data_4ZIU
#
_entry.id   4ZIU
#
_cell.length_a   86.720
_cell.length_b   136.190
_cell.length_c   172.800
_cell.angle_alpha   90.00
_cell.angle_beta   90.00
_cell.angle_gamma   90.00
#
_symmetry.space_group_name_H-M   'I 2 2 2'
#
loop_
_entity.id
_entity.type
_entity.pdbx_description
1 polymer 'Uncharacterized lipoprotein YfhM'
2 non-polymer 'NICKEL (II) ION'
3 non-polymer GLYCEROL
4 water water
#
_entity_poly.entity_id   1
_entity_poly.type   'polypeptide(L)'
_entity_poly.pdbx_seq_one_letter_code
;GHMAAPVIAELNMPRFMASGDTSRLTLDITNLTDKPQKLNVALTASGLLELVSDSPAAVELAPGVRTTLFIPVRALPGYG
DGEIQATISGLALPGETVADQHKQWKIGVRPAFPAQTVNYGTALQPGETWAIPADGLQNFSPVTLEGQLLLSGKPPLNIA
RYIKELKAYPYGCLEQTASGLFPSLYTNAAQLQALGIKGDSDEKRRASVDIGISRLLQMQRDNGGFALWDKNGDEEYWLT
AYVMDFLVRAGEQGYSVPTDAINRGNERLLRYLQDPGMMSIPYADNLKASKFAVQSYAALVLARQQKAPLGALREIWEHR
ADAASGLPLLQLGVALKTMGDATRGEEAIALALKTPRNSDERIWLGDYGSSLRDNALMLSLLEENKLLPDEQYTLLNTLS
QQAFGERWLSTQESNALFLAARTIQDLPGKWQAQTSFSAEQLTGEKAQNSNLNSDQLVTLQVSNSGDQPLWLRMDASGYP
QSAPLPANNVLQIERHILGTDGKSKSLDSLRSGDLVLVWLQVKASNSVPDALVVDLLPAGLELENQNLANGSASLEQSGG
EVQNLLNQMQQASIKHIEFRDDRFVAAVAVDEYQPVTLVYLARAVTPGTYQVPQPMVESMYVPQWRATGAAEDLLIVRP
;
_entity_poly.pdbx_strand_id   A
#
# COMPACT_ATOMS: atom_id res chain seq x y z
N GLY A 1 -8.00 31.03 42.19
CA GLY A 1 -8.74 30.77 40.95
C GLY A 1 -9.79 31.82 40.56
N HIS A 2 -10.02 32.80 41.45
CA HIS A 2 -11.00 33.89 41.30
C HIS A 2 -10.70 34.89 40.15
N MET A 3 -9.45 34.87 39.57
CA MET A 3 -9.05 35.76 38.48
C MET A 3 -9.19 35.05 37.13
N ALA A 4 -9.52 33.75 37.17
CA ALA A 4 -9.69 32.97 35.95
C ALA A 4 -11.00 33.34 35.26
N ALA A 5 -11.00 33.26 33.93
CA ALA A 5 -12.18 33.45 33.11
C ALA A 5 -12.21 32.33 32.10
N PRO A 6 -12.84 31.19 32.48
CA PRO A 6 -12.91 30.07 31.54
C PRO A 6 -13.68 30.46 30.28
N VAL A 7 -13.18 29.93 29.18
CA VAL A 7 -13.73 30.15 27.87
C VAL A 7 -13.72 28.79 27.19
N ILE A 8 -14.73 28.49 26.37
CA ILE A 8 -14.81 27.25 25.62
C ILE A 8 -14.50 27.60 24.18
N ALA A 9 -13.50 26.92 23.58
CA ALA A 9 -13.10 27.16 22.18
C ALA A 9 -12.99 25.84 21.44
N GLU A 10 -13.85 25.67 20.45
CA GLU A 10 -13.97 24.47 19.64
C GLU A 10 -13.81 24.81 18.16
N LEU A 11 -12.93 24.08 17.45
CA LEU A 11 -12.70 24.28 16.02
C LEU A 11 -13.40 23.18 15.24
N ASN A 12 -14.20 23.60 14.27
CA ASN A 12 -14.95 22.76 13.35
C ASN A 12 -14.14 22.70 12.08
N MET A 13 -13.67 21.51 11.73
CA MET A 13 -12.76 21.33 10.61
C MET A 13 -12.92 19.96 9.89
N PRO A 14 -12.30 19.76 8.69
CA PRO A 14 -12.46 18.46 8.01
C PRO A 14 -11.66 17.35 8.70
N ARG A 15 -12.00 16.05 8.44
CA ARG A 15 -11.24 14.92 9.03
C ARG A 15 -9.79 14.90 8.48
N PHE A 16 -9.67 15.33 7.21
CA PHE A 16 -8.43 15.48 6.49
C PHE A 16 -8.62 16.57 5.41
N MET A 17 -7.52 17.00 4.78
CA MET A 17 -7.56 17.89 3.62
C MET A 17 -6.61 17.35 2.59
N ALA A 18 -6.83 17.69 1.30
CA ALA A 18 -5.92 17.31 0.22
C ALA A 18 -5.09 18.50 -0.19
N SER A 19 -3.85 18.25 -0.58
CA SER A 19 -2.87 19.24 -0.99
C SER A 19 -3.39 20.18 -2.10
N GLY A 20 -3.90 21.33 -1.72
CA GLY A 20 -4.42 22.32 -2.65
C GLY A 20 -5.81 22.82 -2.34
N ASP A 21 -6.50 22.13 -1.40
CA ASP A 21 -7.84 22.42 -0.95
C ASP A 21 -7.84 23.65 -0.08
N THR A 22 -8.99 24.35 -0.04
CA THR A 22 -9.21 25.51 0.81
C THR A 22 -10.49 25.20 1.56
N SER A 23 -10.48 25.40 2.86
CA SER A 23 -11.61 25.08 3.73
C SER A 23 -11.92 26.28 4.67
N ARG A 24 -13.21 26.55 4.91
CA ARG A 24 -13.58 27.65 5.79
C ARG A 24 -13.90 27.09 7.18
N LEU A 25 -12.90 27.13 8.07
CA LEU A 25 -13.06 26.60 9.42
C LEU A 25 -13.84 27.59 10.28
N THR A 26 -14.45 27.08 11.36
CA THR A 26 -15.19 27.93 12.27
C THR A 26 -14.70 27.68 13.68
N LEU A 27 -14.31 28.79 14.35
CA LEU A 27 -13.86 28.71 15.73
C LEU A 27 -14.97 29.30 16.60
N ASP A 28 -15.69 28.39 17.25
CA ASP A 28 -16.78 28.66 18.16
C ASP A 28 -16.18 28.99 19.52
N ILE A 29 -16.32 30.25 19.93
CA ILE A 29 -15.86 30.69 21.25
C ILE A 29 -17.10 30.98 22.12
N THR A 30 -17.18 30.36 23.31
CA THR A 30 -18.28 30.51 24.26
C THR A 30 -17.82 31.10 25.60
N ASN A 31 -18.58 32.06 26.13
CA ASN A 31 -18.32 32.67 27.42
C ASN A 31 -19.36 32.17 28.40
N LEU A 32 -18.99 31.23 29.28
CA LEU A 32 -19.92 30.70 30.26
C LEU A 32 -19.72 31.37 31.64
N THR A 33 -19.05 32.53 31.67
CA THR A 33 -18.89 33.30 32.90
C THR A 33 -20.17 34.16 33.09
N ASP A 34 -20.16 34.96 34.16
CA ASP A 34 -21.25 35.84 34.57
C ASP A 34 -20.95 37.27 34.18
N LYS A 35 -19.77 37.50 33.59
CA LYS A 35 -19.32 38.83 33.21
C LYS A 35 -18.81 38.85 31.77
N PRO A 36 -18.83 40.01 31.08
CA PRO A 36 -18.31 40.06 29.69
C PRO A 36 -16.82 39.77 29.61
N GLN A 37 -16.32 39.45 28.41
CA GLN A 37 -14.92 39.12 28.19
C GLN A 37 -14.44 39.73 26.90
N LYS A 38 -13.30 40.41 26.94
CA LYS A 38 -12.68 41.01 25.76
C LYS A 38 -11.51 40.10 25.47
N LEU A 39 -11.47 39.49 24.30
CA LEU A 39 -10.45 38.49 24.02
C LEU A 39 -9.55 38.84 22.88
N ASN A 40 -8.30 38.37 22.95
CA ASN A 40 -7.36 38.49 21.87
C ASN A 40 -7.12 37.08 21.36
N VAL A 41 -7.62 36.79 20.17
CA VAL A 41 -7.46 35.44 19.62
C VAL A 41 -6.37 35.47 18.54
N ALA A 42 -5.21 34.91 18.89
CA ALA A 42 -4.05 34.82 18.02
C ALA A 42 -4.04 33.44 17.33
N LEU A 43 -4.22 33.44 16.00
CA LEU A 43 -4.25 32.24 15.19
C LEU A 43 -2.97 32.07 14.38
N THR A 44 -2.42 30.86 14.44
CA THR A 44 -1.22 30.44 13.72
C THR A 44 -1.46 29.06 13.14
N ALA A 45 -0.72 28.73 12.08
CA ALA A 45 -0.80 27.46 11.37
C ALA A 45 0.60 26.96 11.02
N SER A 46 0.90 25.70 11.39
CA SER A 46 2.16 25.02 11.11
C SER A 46 1.88 23.78 10.24
N GLY A 47 2.94 23.14 9.77
CA GLY A 47 2.84 21.96 8.93
C GLY A 47 2.31 22.30 7.55
N LEU A 48 1.55 21.37 6.96
CA LEU A 48 1.00 21.54 5.62
C LEU A 48 -0.38 22.19 5.63
N LEU A 49 -0.51 23.23 6.46
CA LEU A 49 -1.67 24.11 6.57
C LEU A 49 -1.19 25.54 6.59
N GLU A 50 -2.00 26.43 6.06
CA GLU A 50 -1.69 27.84 5.95
C GLU A 50 -2.98 28.67 6.12
N LEU A 51 -2.91 29.76 6.89
CA LEU A 51 -4.05 30.65 7.04
C LEU A 51 -4.14 31.52 5.79
N VAL A 52 -5.34 31.70 5.24
CA VAL A 52 -5.61 32.48 4.03
C VAL A 52 -5.73 33.95 4.39
N SER A 53 -6.52 34.26 5.43
CA SER A 53 -6.74 35.61 5.92
C SER A 53 -5.82 35.92 7.11
N ASP A 54 -6.02 37.07 7.75
CA ASP A 54 -5.22 37.50 8.89
C ASP A 54 -5.83 37.01 10.19
N SER A 55 -5.08 37.14 11.29
CA SER A 55 -5.57 36.82 12.62
C SER A 55 -6.60 37.91 13.01
N PRO A 56 -7.66 37.57 13.79
CA PRO A 56 -8.65 38.62 14.13
C PRO A 56 -8.24 39.49 15.32
N ALA A 57 -8.87 40.68 15.39
CA ALA A 57 -8.65 41.63 16.46
C ALA A 57 -9.40 41.17 17.74
N ALA A 58 -9.82 42.11 18.60
CA ALA A 58 -10.53 41.77 19.82
C ALA A 58 -11.88 41.07 19.54
N VAL A 59 -12.32 40.24 20.49
CA VAL A 59 -13.59 39.49 20.47
C VAL A 59 -14.34 39.90 21.75
N GLU A 60 -15.44 40.63 21.59
CA GLU A 60 -16.26 41.07 22.72
C GLU A 60 -17.32 40.01 22.92
N LEU A 61 -17.28 39.35 24.07
CA LEU A 61 -18.21 38.27 24.31
C LEU A 61 -18.94 38.47 25.62
N ALA A 62 -20.25 38.77 25.53
CA ALA A 62 -21.14 39.00 26.68
C ALA A 62 -21.35 37.71 27.47
N PRO A 63 -21.85 37.71 28.73
CA PRO A 63 -22.04 36.43 29.43
C PRO A 63 -23.18 35.57 28.86
N GLY A 64 -22.81 34.39 28.37
CA GLY A 64 -23.71 33.39 27.85
C GLY A 64 -23.70 33.22 26.36
N VAL A 65 -22.97 34.12 25.67
CA VAL A 65 -22.92 34.20 24.24
C VAL A 65 -21.80 33.33 23.64
N ARG A 66 -22.16 32.66 22.53
CA ARG A 66 -21.29 31.88 21.68
C ARG A 66 -21.19 32.60 20.35
N THR A 67 -19.95 32.98 19.99
CA THR A 67 -19.64 33.62 18.71
C THR A 67 -18.84 32.64 17.86
N THR A 68 -18.74 32.92 16.57
CA THR A 68 -18.04 32.09 15.62
C THR A 68 -17.09 32.97 14.82
N LEU A 69 -15.84 32.53 14.67
CA LEU A 69 -14.82 33.20 13.85
C LEU A 69 -14.62 32.36 12.63
N PHE A 70 -14.60 32.99 11.45
CA PHE A 70 -14.42 32.27 10.18
C PHE A 70 -12.96 32.32 9.80
N ILE A 71 -12.30 31.14 9.77
CA ILE A 71 -10.87 31.02 9.50
C ILE A 71 -10.60 30.30 8.18
N PRO A 72 -10.43 31.02 7.04
CA PRO A 72 -10.11 30.33 5.78
C PRO A 72 -8.71 29.75 5.85
N VAL A 73 -8.59 28.46 5.58
CA VAL A 73 -7.33 27.69 5.61
C VAL A 73 -7.03 27.15 4.21
N ARG A 74 -5.77 26.81 3.93
CA ARG A 74 -5.37 26.22 2.65
C ARG A 74 -4.41 25.07 2.90
N ALA A 75 -4.61 23.92 2.23
CA ALA A 75 -3.71 22.77 2.41
C ALA A 75 -2.54 22.87 1.43
N LEU A 76 -1.33 22.80 1.96
CA LEU A 76 -0.11 22.95 1.17
C LEU A 76 0.29 21.63 0.48
N PRO A 77 1.08 21.69 -0.62
CA PRO A 77 1.45 20.44 -1.33
C PRO A 77 2.18 19.42 -0.47
N GLY A 78 1.88 18.13 -0.70
CA GLY A 78 2.55 17.04 -0.02
C GLY A 78 1.73 16.08 0.84
N TYR A 79 2.45 15.23 1.56
CA TYR A 79 1.90 14.23 2.46
C TYR A 79 2.51 14.44 3.85
N GLY A 80 1.64 14.51 4.85
CA GLY A 80 2.04 14.72 6.23
C GLY A 80 0.92 15.33 7.04
N ASP A 81 1.28 16.15 8.05
CA ASP A 81 0.36 16.79 8.99
C ASP A 81 0.29 18.31 8.83
N GLY A 82 -0.81 18.87 9.27
CA GLY A 82 -1.06 20.30 9.33
C GLY A 82 -1.66 20.65 10.69
N GLU A 83 -1.28 21.78 11.26
CA GLU A 83 -1.79 22.15 12.59
C GLU A 83 -2.19 23.60 12.66
N ILE A 84 -3.27 23.86 13.39
CA ILE A 84 -3.82 25.19 13.65
C ILE A 84 -3.74 25.38 15.14
N GLN A 85 -3.28 26.57 15.57
CA GLN A 85 -3.12 26.89 16.98
C GLN A 85 -3.89 28.16 17.35
N ALA A 86 -4.38 28.23 18.59
CA ALA A 86 -5.07 29.39 19.13
C ALA A 86 -4.62 29.66 20.56
N THR A 87 -4.21 30.90 20.77
CA THR A 87 -3.77 31.41 22.05
C THR A 87 -4.76 32.51 22.35
N ILE A 88 -5.68 32.23 23.29
CA ILE A 88 -6.70 33.17 23.72
C ILE A 88 -6.18 33.79 24.99
N SER A 89 -6.06 35.10 25.00
CA SER A 89 -5.63 35.86 26.17
C SER A 89 -6.57 37.01 26.32
N GLY A 90 -7.14 37.13 27.52
CA GLY A 90 -8.11 38.17 27.84
C GLY A 90 -7.45 39.51 28.07
N LEU A 91 -8.04 40.58 27.53
CA LEU A 91 -7.54 41.94 27.78
C LEU A 91 -8.50 42.54 28.82
N ALA A 92 -8.03 42.61 30.07
CA ALA A 92 -8.84 43.03 31.22
C ALA A 92 -8.23 44.19 32.05
N LEU A 93 -9.09 44.94 32.78
CA LEU A 93 -8.71 46.06 33.65
C LEU A 93 -8.16 45.53 34.99
N PRO A 94 -7.39 46.34 35.77
CA PRO A 94 -6.69 45.86 36.98
C PRO A 94 -7.35 44.80 37.89
N GLY A 95 -8.61 44.98 38.30
CA GLY A 95 -9.24 44.00 39.18
C GLY A 95 -10.07 42.92 38.50
N GLU A 96 -10.22 43.00 37.18
CA GLU A 96 -11.05 42.09 36.40
C GLU A 96 -10.37 40.74 36.12
N THR A 97 -11.22 39.72 35.83
CA THR A 97 -10.81 38.35 35.51
C THR A 97 -10.21 38.30 34.09
N VAL A 98 -9.31 37.34 33.84
CA VAL A 98 -8.57 37.23 32.58
C VAL A 98 -8.76 35.87 31.92
N ALA A 99 -8.80 35.85 30.59
CA ALA A 99 -8.91 34.61 29.85
C ALA A 99 -7.53 34.13 29.51
N ASP A 100 -7.32 32.80 29.53
CA ASP A 100 -6.02 32.18 29.24
C ASP A 100 -6.27 30.75 28.72
N GLN A 101 -6.31 30.58 27.41
CA GLN A 101 -6.64 29.32 26.79
C GLN A 101 -5.68 29.02 25.64
N HIS A 102 -5.12 27.81 25.63
CA HIS A 102 -4.24 27.33 24.57
C HIS A 102 -4.80 26.08 23.96
N LYS A 103 -5.02 26.09 22.65
CA LYS A 103 -5.54 24.94 21.95
C LYS A 103 -4.82 24.76 20.62
N GLN A 104 -4.66 23.50 20.20
CA GLN A 104 -4.04 23.07 18.93
C GLN A 104 -4.89 22.01 18.25
N TRP A 105 -5.06 22.12 16.94
CA TRP A 105 -5.84 21.14 16.16
C TRP A 105 -5.02 20.65 14.99
N LYS A 106 -4.79 19.33 14.93
CA LYS A 106 -4.01 18.67 13.88
C LYS A 106 -4.91 17.89 12.91
N ILE A 107 -4.71 18.12 11.60
CA ILE A 107 -5.42 17.35 10.56
C ILE A 107 -4.42 16.79 9.57
N GLY A 108 -4.70 15.59 9.10
CA GLY A 108 -3.86 14.92 8.13
C GLY A 108 -4.05 15.52 6.75
N VAL A 109 -2.95 15.75 6.03
CA VAL A 109 -2.95 16.25 4.65
C VAL A 109 -2.44 15.10 3.83
N ARG A 110 -3.21 14.75 2.81
CA ARG A 110 -2.98 13.63 1.89
C ARG A 110 -3.21 14.17 0.49
N PRO A 111 -2.34 14.01 -0.54
CA PRO A 111 -2.67 14.56 -1.88
C PRO A 111 -3.89 13.90 -2.51
N ALA A 112 -4.65 14.64 -3.33
CA ALA A 112 -5.85 14.09 -3.96
C ALA A 112 -5.56 12.99 -4.97
N PHE A 113 -4.41 13.07 -5.67
CA PHE A 113 -4.07 12.12 -6.72
C PHE A 113 -2.89 11.23 -6.35
N PRO A 114 -3.04 9.89 -6.48
CA PRO A 114 -1.96 8.95 -6.12
C PRO A 114 -0.58 9.20 -6.74
N ALA A 115 0.46 8.71 -6.03
CA ALA A 115 1.86 8.78 -6.42
C ALA A 115 2.16 8.04 -7.72
N GLN A 116 2.89 8.74 -8.59
CA GLN A 116 3.34 8.28 -9.89
C GLN A 116 4.82 8.02 -9.87
N THR A 117 5.28 6.99 -10.57
CA THR A 117 6.71 6.68 -10.61
C THR A 117 7.23 6.76 -12.05
N VAL A 118 8.56 6.86 -12.19
CA VAL A 118 9.29 6.74 -13.44
C VAL A 118 10.40 5.75 -13.15
N ASN A 119 10.56 4.76 -14.01
CA ASN A 119 11.53 3.71 -13.77
C ASN A 119 12.33 3.49 -15.04
N TYR A 120 13.63 3.78 -14.96
CA TYR A 120 14.57 3.61 -16.03
C TYR A 120 15.67 2.70 -15.58
N GLY A 121 16.35 2.10 -16.55
CA GLY A 121 17.47 1.20 -16.33
C GLY A 121 18.07 0.81 -17.65
N THR A 122 19.39 0.72 -17.68
CA THR A 122 20.15 0.38 -18.88
C THR A 122 21.55 -0.06 -18.49
N ALA A 123 22.21 -0.77 -19.41
CA ALA A 123 23.62 -1.09 -19.32
C ALA A 123 24.37 -0.14 -20.30
N LEU A 124 25.40 0.53 -19.77
CA LEU A 124 26.23 1.46 -20.54
C LEU A 124 27.58 0.83 -20.79
N GLN A 125 27.93 0.66 -22.06
CA GLN A 125 29.23 0.13 -22.43
C GLN A 125 30.29 1.19 -22.12
N PRO A 126 31.61 0.90 -22.01
CA PRO A 126 32.57 1.98 -21.69
C PRO A 126 32.43 3.18 -22.65
N GLY A 127 32.35 4.39 -22.08
CA GLY A 127 32.20 5.64 -22.83
C GLY A 127 30.80 6.09 -23.19
N GLU A 128 29.80 5.18 -23.12
CA GLU A 128 28.39 5.46 -23.43
C GLU A 128 27.75 6.37 -22.36
N THR A 129 26.66 7.08 -22.73
CA THR A 129 25.99 8.05 -21.85
C THR A 129 24.49 7.81 -21.77
N TRP A 130 23.91 8.09 -20.60
CA TRP A 130 22.48 8.01 -20.35
C TRP A 130 21.98 9.34 -19.80
N ALA A 131 20.90 9.85 -20.36
CA ALA A 131 20.23 11.03 -19.89
C ALA A 131 18.76 10.70 -19.70
N ILE A 132 18.16 11.26 -18.67
CA ILE A 132 16.75 11.07 -18.36
C ILE A 132 15.87 11.74 -19.47
N PRO A 133 14.75 11.14 -19.93
CA PRO A 133 13.89 11.82 -20.92
C PRO A 133 13.36 13.18 -20.41
N ALA A 134 13.34 14.22 -21.28
CA ALA A 134 12.90 15.56 -20.86
C ALA A 134 11.42 15.55 -20.49
N ASP A 135 10.63 14.74 -21.22
CA ASP A 135 9.20 14.54 -21.03
C ASP A 135 8.91 13.81 -19.71
N GLY A 136 9.74 12.81 -19.41
CA GLY A 136 9.66 11.92 -18.25
C GLY A 136 9.05 12.43 -16.96
N LEU A 137 9.46 13.64 -16.50
CA LEU A 137 9.02 14.22 -15.24
C LEU A 137 8.14 15.48 -15.39
N GLN A 138 7.53 15.72 -16.57
CA GLN A 138 6.72 16.93 -16.85
C GLN A 138 5.51 17.12 -15.89
N ASN A 139 4.88 16.00 -15.49
CA ASN A 139 3.66 15.88 -14.69
C ASN A 139 3.79 16.14 -13.17
N PHE A 140 4.97 15.92 -12.57
CA PHE A 140 5.19 16.01 -11.11
C PHE A 140 5.40 17.42 -10.57
N SER A 141 4.96 17.65 -9.32
CA SER A 141 5.20 18.87 -8.56
C SER A 141 6.61 18.73 -7.93
N PRO A 142 7.51 19.73 -8.06
CA PRO A 142 8.91 19.55 -7.59
C PRO A 142 9.06 19.34 -6.09
N VAL A 143 8.09 19.81 -5.30
CA VAL A 143 8.03 19.69 -3.84
C VAL A 143 8.05 18.20 -3.42
N THR A 144 7.35 17.37 -4.20
CA THR A 144 7.13 15.95 -3.95
C THR A 144 8.07 15.03 -4.71
N LEU A 145 8.82 15.55 -5.71
CA LEU A 145 9.70 14.73 -6.55
C LEU A 145 11.00 14.34 -5.87
N GLU A 146 11.15 13.05 -5.58
CA GLU A 146 12.36 12.46 -5.01
C GLU A 146 12.75 11.20 -5.83
N GLY A 147 14.03 11.08 -6.14
CA GLY A 147 14.53 9.96 -6.92
C GLY A 147 15.72 9.25 -6.31
N GLN A 148 16.01 8.03 -6.79
CA GLN A 148 17.14 7.21 -6.34
C GLN A 148 17.91 6.65 -7.56
N LEU A 149 19.22 6.93 -7.65
CA LEU A 149 20.03 6.39 -8.75
C LEU A 149 20.94 5.27 -8.23
N LEU A 150 20.80 4.09 -8.83
CA LEU A 150 21.61 2.90 -8.55
C LEU A 150 22.60 2.71 -9.67
N LEU A 151 23.87 2.50 -9.31
CA LEU A 151 24.99 2.25 -10.23
C LEU A 151 25.68 0.97 -9.78
N SER A 152 26.01 0.06 -10.73
CA SER A 152 26.62 -1.23 -10.40
C SER A 152 27.56 -1.76 -11.49
N GLY A 153 28.48 -2.63 -11.09
CA GLY A 153 29.40 -3.30 -12.00
C GLY A 153 28.77 -4.51 -12.65
N LYS A 154 27.66 -5.01 -12.05
CA LYS A 154 26.94 -6.20 -12.49
C LYS A 154 25.39 -5.98 -12.49
N PRO A 155 24.56 -6.86 -13.10
CA PRO A 155 23.10 -6.60 -13.12
C PRO A 155 22.48 -6.45 -11.70
N PRO A 156 21.78 -5.32 -11.41
CA PRO A 156 21.33 -5.07 -10.04
C PRO A 156 19.85 -5.20 -9.80
N LEU A 157 19.44 -4.93 -8.55
CA LEU A 157 18.05 -4.85 -8.11
C LEU A 157 17.96 -3.69 -7.12
N ASN A 158 16.94 -2.82 -7.27
CA ASN A 158 16.88 -1.70 -6.33
C ASN A 158 15.98 -2.06 -5.14
N ILE A 159 16.66 -2.55 -4.08
CA ILE A 159 16.09 -2.96 -2.80
C ILE A 159 15.45 -1.73 -2.12
N ALA A 160 15.93 -0.52 -2.42
CA ALA A 160 15.32 0.68 -1.85
C ALA A 160 13.86 0.82 -2.32
N ARG A 161 13.58 0.51 -3.60
CA ARG A 161 12.24 0.59 -4.16
C ARG A 161 11.25 -0.30 -3.41
N TYR A 162 11.56 -1.61 -3.35
CA TYR A 162 10.74 -2.66 -2.73
C TYR A 162 10.51 -2.36 -1.26
N ILE A 163 11.53 -1.89 -0.53
CA ILE A 163 11.44 -1.52 0.89
C ILE A 163 10.40 -0.37 1.05
N LYS A 164 10.51 0.69 0.24
CA LYS A 164 9.59 1.85 0.27
C LYS A 164 8.15 1.42 -0.08
N GLU A 165 7.98 0.51 -1.07
CA GLU A 165 6.66 0.07 -1.54
C GLU A 165 5.91 -0.77 -0.50
N LEU A 166 6.60 -1.69 0.20
CA LEU A 166 5.99 -2.54 1.23
C LEU A 166 5.63 -1.73 2.50
N LYS A 167 6.44 -0.71 2.84
CA LYS A 167 6.21 0.17 3.99
C LYS A 167 5.03 1.10 3.74
N ALA A 168 4.77 1.47 2.47
CA ALA A 168 3.71 2.41 2.09
C ALA A 168 2.35 1.76 1.95
N TYR A 169 2.29 0.44 1.76
CA TYR A 169 1.02 -0.27 1.55
C TYR A 169 0.04 -0.01 2.73
N PRO A 170 -1.14 0.60 2.43
CA PRO A 170 -2.08 0.96 3.52
C PRO A 170 -3.09 -0.09 4.01
N TYR A 171 -3.37 -1.21 3.27
CA TYR A 171 -4.44 -2.17 3.62
C TYR A 171 -3.92 -3.36 4.39
N GLY A 172 -4.75 -3.81 5.33
CA GLY A 172 -4.38 -4.84 6.28
C GLY A 172 -4.80 -6.26 6.02
N CYS A 173 -4.73 -6.72 4.77
CA CYS A 173 -5.03 -8.13 4.48
C CYS A 173 -3.87 -8.99 4.96
N LEU A 174 -4.11 -10.28 5.21
CA LEU A 174 -3.08 -11.20 5.72
C LEU A 174 -1.75 -11.20 4.86
N GLU A 175 -1.84 -11.44 3.54
CA GLU A 175 -0.67 -11.50 2.67
C GLU A 175 0.14 -10.22 2.72
N GLN A 176 -0.53 -9.04 2.77
CA GLN A 176 0.08 -7.71 2.76
C GLN A 176 0.82 -7.42 4.06
N THR A 177 0.33 -7.98 5.17
CA THR A 177 0.92 -7.82 6.49
C THR A 177 2.21 -8.64 6.53
N ALA A 178 2.18 -9.92 6.10
CA ALA A 178 3.38 -10.76 6.07
C ALA A 178 4.45 -10.14 5.16
N SER A 179 4.11 -9.82 3.89
CA SER A 179 5.02 -9.19 2.93
C SER A 179 5.72 -7.95 3.51
N GLY A 180 4.95 -7.03 4.09
CA GLY A 180 5.45 -5.82 4.75
C GLY A 180 6.31 -6.07 5.99
N LEU A 181 6.21 -7.26 6.64
CA LEU A 181 7.00 -7.62 7.82
C LEU A 181 8.37 -8.24 7.48
N PHE A 182 8.53 -8.85 6.28
CA PHE A 182 9.80 -9.41 5.85
C PHE A 182 10.93 -8.36 5.81
N PRO A 183 10.77 -7.10 5.28
CA PRO A 183 11.89 -6.15 5.35
C PRO A 183 12.31 -5.83 6.79
N SER A 184 11.33 -5.54 7.70
CA SER A 184 11.56 -5.24 9.13
C SER A 184 12.25 -6.40 9.85
N LEU A 185 12.31 -7.58 9.23
CA LEU A 185 12.94 -8.79 9.76
C LEU A 185 14.43 -8.85 9.38
N TYR A 186 14.75 -8.75 8.08
CA TYR A 186 16.10 -8.88 7.54
C TYR A 186 16.90 -7.56 7.31
N THR A 187 16.30 -6.38 7.57
CA THR A 187 17.06 -5.13 7.43
C THR A 187 17.40 -4.57 8.83
N ASN A 188 18.33 -3.60 8.89
CA ASN A 188 18.78 -2.94 10.13
C ASN A 188 19.00 -1.45 9.89
N ALA A 189 19.04 -0.65 10.96
CA ALA A 189 19.24 0.80 10.94
C ALA A 189 20.45 1.21 10.07
N ALA A 190 21.57 0.46 10.16
CA ALA A 190 22.83 0.68 9.42
C ALA A 190 22.68 0.40 7.91
N GLN A 191 22.11 -0.78 7.55
CA GLN A 191 21.85 -1.24 6.17
C GLN A 191 20.94 -0.22 5.46
N LEU A 192 19.85 0.16 6.16
CA LEU A 192 18.83 1.12 5.73
C LEU A 192 19.45 2.49 5.46
N GLN A 193 20.34 2.97 6.36
CA GLN A 193 21.01 4.27 6.23
C GLN A 193 21.99 4.31 5.05
N ALA A 194 22.76 3.20 4.83
CA ALA A 194 23.70 3.06 3.71
C ALA A 194 22.97 3.11 2.32
N LEU A 195 21.64 2.83 2.29
CA LEU A 195 20.78 2.89 1.10
C LEU A 195 20.13 4.27 0.93
N GLY A 196 20.21 5.08 1.99
CA GLY A 196 19.62 6.41 2.04
C GLY A 196 18.19 6.42 2.56
N ILE A 197 17.67 5.25 2.98
CA ILE A 197 16.32 5.10 3.54
C ILE A 197 16.36 5.58 5.00
N LYS A 198 15.47 6.52 5.34
CA LYS A 198 15.33 7.03 6.70
C LYS A 198 14.14 6.33 7.34
N GLY A 199 14.43 5.46 8.31
CA GLY A 199 13.42 4.69 9.02
C GLY A 199 13.52 4.82 10.54
N ASP A 200 12.95 3.84 11.24
CA ASP A 200 12.91 3.80 12.70
C ASP A 200 14.14 3.07 13.29
N SER A 201 14.40 3.27 14.60
CA SER A 201 15.52 2.66 15.33
C SER A 201 15.33 1.14 15.42
N ASP A 202 16.42 0.39 15.62
CA ASP A 202 16.43 -1.07 15.71
C ASP A 202 15.47 -1.60 16.81
N GLU A 203 15.38 -0.92 17.97
CA GLU A 203 14.48 -1.29 19.07
C GLU A 203 13.01 -1.16 18.65
N LYS A 204 12.67 -0.02 18.01
CA LYS A 204 11.34 0.30 17.47
C LYS A 204 11.00 -0.65 16.30
N ARG A 205 12.03 -1.02 15.49
CA ARG A 205 11.95 -1.92 14.35
C ARG A 205 11.55 -3.34 14.82
N ARG A 206 12.20 -3.83 15.92
CA ARG A 206 11.90 -5.13 16.50
CA ARG A 206 11.91 -5.11 16.55
C ARG A 206 10.51 -5.09 17.16
N ALA A 207 10.13 -3.92 17.74
CA ALA A 207 8.81 -3.69 18.35
C ALA A 207 7.71 -3.69 17.28
N SER A 208 8.05 -3.32 16.02
CA SER A 208 7.15 -3.34 14.88
C SER A 208 6.87 -4.78 14.43
N VAL A 209 7.87 -5.67 14.57
CA VAL A 209 7.75 -7.07 14.18
C VAL A 209 6.84 -7.79 15.21
N ASP A 210 7.03 -7.53 16.52
CA ASP A 210 6.22 -8.14 17.59
C ASP A 210 4.71 -7.81 17.43
N ILE A 211 4.36 -6.54 17.12
CA ILE A 211 2.97 -6.10 16.90
C ILE A 211 2.43 -6.72 15.57
N GLY A 212 3.32 -6.94 14.62
CA GLY A 212 2.99 -7.55 13.34
C GLY A 212 2.62 -9.00 13.53
N ILE A 213 3.50 -9.77 14.19
CA ILE A 213 3.28 -11.19 14.49
C ILE A 213 1.91 -11.40 15.17
N SER A 214 1.47 -10.46 16.02
CA SER A 214 0.16 -10.52 16.70
C SER A 214 -1.01 -10.25 15.72
N ARG A 215 -0.85 -9.29 14.80
CA ARG A 215 -1.86 -8.94 13.80
C ARG A 215 -2.15 -10.17 12.88
N LEU A 216 -1.09 -10.94 12.51
CA LEU A 216 -1.21 -12.15 11.67
C LEU A 216 -2.02 -13.24 12.38
N LEU A 217 -1.91 -13.33 13.72
CA LEU A 217 -2.59 -14.33 14.54
C LEU A 217 -4.08 -14.01 14.75
N GLN A 218 -4.45 -12.74 14.58
CA GLN A 218 -5.82 -12.19 14.64
C GLN A 218 -6.62 -12.71 13.44
N MET A 219 -5.89 -13.27 12.45
CA MET A 219 -6.36 -13.80 11.17
C MET A 219 -6.31 -15.34 11.12
N GLN A 220 -5.75 -15.98 12.17
CA GLN A 220 -5.66 -17.42 12.24
C GLN A 220 -7.02 -18.01 12.54
N ARG A 221 -7.58 -18.79 11.62
CA ARG A 221 -8.87 -19.47 11.77
C ARG A 221 -8.78 -20.49 12.92
N ASP A 222 -9.94 -20.90 13.46
CA ASP A 222 -9.99 -21.84 14.57
C ASP A 222 -9.34 -23.22 14.23
N ASN A 223 -9.31 -23.62 12.93
CA ASN A 223 -8.73 -24.90 12.50
C ASN A 223 -7.18 -24.87 12.43
N GLY A 224 -6.56 -23.67 12.47
CA GLY A 224 -5.12 -23.52 12.41
C GLY A 224 -4.63 -22.75 11.19
N GLY A 225 -5.40 -22.84 10.09
CA GLY A 225 -5.17 -22.14 8.83
C GLY A 225 -5.47 -20.67 8.94
N PHE A 226 -5.13 -19.90 7.90
CA PHE A 226 -5.29 -18.44 7.92
C PHE A 226 -6.28 -17.95 6.85
N ALA A 227 -6.93 -16.83 7.10
CA ALA A 227 -7.84 -16.28 6.10
C ALA A 227 -7.32 -14.92 5.61
N LEU A 228 -7.71 -14.47 4.41
CA LEU A 228 -7.18 -13.23 3.81
C LEU A 228 -7.63 -11.91 4.53
N TRP A 229 -8.90 -11.75 4.94
CA TRP A 229 -9.36 -10.50 5.57
C TRP A 229 -9.92 -10.68 6.97
N ASP A 230 -10.54 -11.81 7.26
CA ASP A 230 -11.12 -12.04 8.59
C ASP A 230 -10.93 -13.49 9.01
N LYS A 231 -10.82 -13.71 10.33
CA LYS A 231 -10.72 -15.00 11.02
C LYS A 231 -11.88 -15.95 10.59
N ASN A 232 -13.04 -15.36 10.30
CA ASN A 232 -14.28 -16.05 9.89
C ASN A 232 -14.29 -16.43 8.41
N GLY A 233 -13.37 -15.86 7.62
CA GLY A 233 -13.25 -16.09 6.18
C GLY A 233 -12.81 -17.49 5.77
N ASP A 234 -12.73 -17.73 4.45
CA ASP A 234 -12.30 -19.01 3.91
C ASP A 234 -10.82 -19.17 4.13
N GLU A 235 -10.40 -20.44 4.34
CA GLU A 235 -9.01 -20.80 4.50
C GLU A 235 -8.29 -20.58 3.19
N GLU A 236 -7.12 -19.94 3.27
CA GLU A 236 -6.23 -19.61 2.17
C GLU A 236 -4.99 -20.50 2.37
N TYR A 237 -4.94 -21.63 1.65
CA TYR A 237 -3.93 -22.69 1.81
C TYR A 237 -2.51 -22.20 1.56
N TRP A 238 -2.23 -21.69 0.37
CA TRP A 238 -0.93 -21.13 0.00
C TRP A 238 -0.55 -19.97 0.97
N LEU A 239 -1.53 -19.09 1.40
CA LEU A 239 -1.22 -18.02 2.33
C LEU A 239 -0.93 -18.57 3.72
N THR A 240 -1.49 -19.75 4.09
CA THR A 240 -1.18 -20.38 5.36
C THR A 240 0.29 -20.82 5.32
N ALA A 241 0.79 -21.34 4.18
CA ALA A 241 2.20 -21.72 4.02
C ALA A 241 3.07 -20.49 4.09
N TYR A 242 2.65 -19.39 3.43
CA TYR A 242 3.37 -18.12 3.42
C TYR A 242 3.59 -17.53 4.81
N VAL A 243 2.50 -17.42 5.59
CA VAL A 243 2.50 -16.91 6.97
C VAL A 243 3.36 -17.84 7.84
N MET A 244 3.20 -19.18 7.67
CA MET A 244 4.02 -20.17 8.39
C MET A 244 5.52 -20.03 8.06
N ASP A 245 5.87 -19.75 6.77
CA ASP A 245 7.25 -19.48 6.33
C ASP A 245 7.79 -18.32 7.16
N PHE A 246 7.04 -17.18 7.20
CA PHE A 246 7.41 -15.97 7.96
C PHE A 246 7.55 -16.22 9.46
N LEU A 247 6.50 -16.82 10.08
CA LEU A 247 6.42 -17.10 11.51
C LEU A 247 7.54 -18.02 11.97
N VAL A 248 8.00 -18.88 11.06
CA VAL A 248 9.10 -19.78 11.37
C VAL A 248 10.43 -18.99 11.27
N ARG A 249 10.60 -18.18 10.20
CA ARG A 249 11.81 -17.39 9.98
C ARG A 249 12.04 -16.25 11.03
N ALA A 250 10.96 -15.77 11.71
CA ALA A 250 11.04 -14.76 12.76
C ALA A 250 11.58 -15.38 14.06
N GLY A 251 11.21 -16.63 14.31
CA GLY A 251 11.68 -17.42 15.45
C GLY A 251 13.17 -17.65 15.33
N GLU A 252 13.63 -17.88 14.09
CA GLU A 252 15.03 -18.08 13.73
C GLU A 252 15.86 -16.82 14.04
N GLN A 253 15.24 -15.62 14.01
CA GLN A 253 15.92 -14.35 14.29
C GLN A 253 15.82 -13.95 15.78
N GLY A 254 14.88 -14.57 16.50
CA GLY A 254 14.71 -14.31 17.93
C GLY A 254 13.43 -13.61 18.35
N TYR A 255 12.33 -13.80 17.60
CA TYR A 255 11.04 -13.21 17.97
C TYR A 255 10.18 -14.32 18.56
N SER A 256 9.49 -14.07 19.68
CA SER A 256 8.66 -15.10 20.31
C SER A 256 7.31 -15.27 19.59
N VAL A 257 6.96 -16.53 19.23
CA VAL A 257 5.71 -16.90 18.56
C VAL A 257 5.02 -17.97 19.42
N PRO A 258 3.75 -17.78 19.86
CA PRO A 258 3.08 -18.80 20.69
C PRO A 258 3.13 -20.18 20.06
N THR A 259 3.53 -21.18 20.84
CA THR A 259 3.70 -22.56 20.40
C THR A 259 2.41 -23.18 19.84
N ASP A 260 1.23 -22.83 20.40
CA ASP A 260 -0.06 -23.38 19.96
C ASP A 260 -0.40 -22.86 18.55
N ALA A 261 0.04 -21.63 18.24
CA ALA A 261 -0.15 -21.01 16.95
C ALA A 261 0.67 -21.73 15.89
N ILE A 262 1.95 -22.02 16.19
CA ILE A 262 2.86 -22.73 15.30
C ILE A 262 2.39 -24.20 15.12
N ASN A 263 2.14 -24.91 16.23
CA ASN A 263 1.69 -26.30 16.22
C ASN A 263 0.44 -26.52 15.36
N ARG A 264 -0.59 -25.63 15.46
CA ARG A 264 -1.84 -25.73 14.70
C ARG A 264 -1.60 -25.44 13.24
N GLY A 265 -0.68 -24.51 12.96
CA GLY A 265 -0.30 -24.10 11.61
C GLY A 265 0.42 -25.22 10.90
N ASN A 266 1.31 -25.93 11.63
CA ASN A 266 2.07 -27.08 11.11
C ASN A 266 1.13 -28.27 10.87
N GLU A 267 0.13 -28.47 11.74
CA GLU A 267 -0.94 -29.45 11.61
C GLU A 267 -1.71 -29.29 10.27
N ARG A 268 -1.96 -28.02 9.83
CA ARG A 268 -2.61 -27.72 8.54
C ARG A 268 -1.70 -28.05 7.40
N LEU A 269 -0.46 -27.57 7.44
CA LEU A 269 0.55 -27.80 6.40
C LEU A 269 0.71 -29.29 6.14
N LEU A 270 0.65 -30.12 7.21
CA LEU A 270 0.74 -31.57 7.15
C LEU A 270 -0.54 -32.16 6.50
N ARG A 271 -1.73 -31.56 6.80
CA ARG A 271 -3.01 -32.01 6.22
CA ARG A 271 -3.01 -31.98 6.23
C ARG A 271 -3.03 -31.71 4.73
N TYR A 272 -2.37 -30.63 4.31
CA TYR A 272 -2.28 -30.23 2.91
C TYR A 272 -1.51 -31.28 2.11
N LEU A 273 -0.47 -31.91 2.72
CA LEU A 273 0.36 -32.93 2.05
C LEU A 273 -0.34 -34.25 1.95
N GLN A 274 -0.90 -34.67 3.09
CA GLN A 274 -1.53 -35.96 3.30
C GLN A 274 -2.99 -36.03 2.81
N ASP A 275 -3.68 -34.86 2.66
CA ASP A 275 -5.09 -34.81 2.27
C ASP A 275 -5.41 -33.60 1.32
N PRO A 276 -4.83 -33.54 0.07
CA PRO A 276 -5.12 -32.37 -0.79
C PRO A 276 -6.58 -32.24 -1.23
N GLY A 277 -7.31 -33.34 -1.18
CA GLY A 277 -8.73 -33.44 -1.51
C GLY A 277 -9.64 -32.48 -0.78
N MET A 278 -9.36 -32.17 0.49
CA MET A 278 -10.20 -31.23 1.26
C MET A 278 -9.96 -29.75 0.85
N MET A 279 -8.90 -29.46 0.05
CA MET A 279 -8.60 -28.09 -0.44
C MET A 279 -9.62 -27.64 -1.47
N SER A 280 -10.32 -26.55 -1.16
CA SER A 280 -11.30 -25.96 -2.07
C SER A 280 -10.79 -24.61 -2.49
N ILE A 281 -10.21 -24.52 -3.70
CA ILE A 281 -9.63 -23.30 -4.26
C ILE A 281 -10.57 -22.93 -5.41
N PRO A 282 -11.63 -22.16 -5.12
CA PRO A 282 -12.72 -22.05 -6.09
C PRO A 282 -12.47 -21.16 -7.32
N TYR A 283 -11.62 -20.11 -7.26
CA TYR A 283 -11.38 -19.29 -8.46
C TYR A 283 -10.25 -19.89 -9.35
N ALA A 284 -9.71 -21.05 -8.96
CA ALA A 284 -8.61 -21.70 -9.64
C ALA A 284 -9.08 -22.40 -10.90
N ASP A 285 -8.49 -22.02 -12.05
CA ASP A 285 -8.84 -22.58 -13.36
C ASP A 285 -8.30 -24.02 -13.44
N ASN A 286 -7.00 -24.22 -13.10
CA ASN A 286 -6.33 -25.53 -13.01
C ASN A 286 -6.20 -25.98 -11.54
N LEU A 287 -7.10 -26.84 -11.06
CA LEU A 287 -7.08 -27.33 -9.68
C LEU A 287 -5.83 -28.12 -9.33
N LYS A 288 -5.39 -29.07 -10.18
CA LYS A 288 -4.17 -29.86 -9.91
C LYS A 288 -2.94 -28.97 -9.74
N ALA A 289 -2.76 -27.94 -10.61
CA ALA A 289 -1.62 -27.00 -10.46
C ALA A 289 -1.68 -26.14 -9.14
N SER A 290 -2.90 -25.72 -8.72
CA SER A 290 -3.08 -24.92 -7.50
C SER A 290 -2.74 -25.75 -6.25
N LYS A 291 -3.28 -27.01 -6.17
CA LYS A 291 -3.05 -27.95 -5.07
C LYS A 291 -1.56 -28.29 -4.98
N PHE A 292 -0.86 -28.38 -6.14
CA PHE A 292 0.58 -28.70 -6.18
C PHE A 292 1.40 -27.56 -5.59
N ALA A 293 1.06 -26.28 -5.93
CA ALA A 293 1.74 -25.07 -5.44
C ALA A 293 1.69 -25.01 -3.92
N VAL A 294 0.53 -25.39 -3.34
CA VAL A 294 0.29 -25.41 -1.89
C VAL A 294 1.16 -26.47 -1.21
N GLN A 295 0.98 -27.75 -1.59
CA GLN A 295 1.69 -28.90 -1.03
C GLN A 295 3.22 -28.67 -1.03
N SER A 296 3.78 -28.19 -2.17
CA SER A 296 5.21 -27.90 -2.34
C SER A 296 5.71 -26.81 -1.36
N TYR A 297 4.94 -25.71 -1.21
CA TYR A 297 5.30 -24.69 -0.25
C TYR A 297 5.15 -25.24 1.19
N ALA A 298 4.12 -26.04 1.51
CA ALA A 298 3.94 -26.68 2.83
C ALA A 298 5.08 -27.64 3.12
N ALA A 299 5.56 -28.36 2.10
CA ALA A 299 6.65 -29.33 2.16
C ALA A 299 7.97 -28.66 2.54
N LEU A 300 8.26 -27.48 1.95
CA LEU A 300 9.46 -26.68 2.21
C LEU A 300 9.47 -26.08 3.62
N VAL A 301 8.33 -25.52 4.05
CA VAL A 301 8.17 -24.93 5.38
C VAL A 301 8.31 -26.04 6.43
N LEU A 302 7.65 -27.19 6.22
CA LEU A 302 7.75 -28.32 7.17
C LEU A 302 9.17 -28.90 7.25
N ALA A 303 9.88 -29.03 6.11
CA ALA A 303 11.24 -29.56 6.03
C ALA A 303 12.28 -28.66 6.77
N ARG A 304 12.12 -27.30 6.71
CA ARG A 304 13.03 -26.36 7.40
C ARG A 304 12.95 -26.55 8.92
N GLN A 305 11.84 -27.15 9.40
CA GLN A 305 11.54 -27.49 10.78
C GLN A 305 11.86 -28.99 11.08
N GLN A 306 12.24 -29.78 10.03
CA GLN A 306 12.51 -31.23 10.09
C GLN A 306 11.19 -31.98 10.42
N LYS A 307 10.05 -31.48 9.84
CA LYS A 307 8.70 -32.00 10.11
C LYS A 307 8.00 -32.59 8.87
N ALA A 308 8.63 -32.54 7.69
CA ALA A 308 8.04 -33.06 6.45
C ALA A 308 8.26 -34.57 6.29
N PRO A 309 7.20 -35.43 6.28
CA PRO A 309 7.45 -36.87 6.09
C PRO A 309 7.85 -37.15 4.64
N LEU A 310 8.94 -37.93 4.48
CA LEU A 310 9.50 -38.32 3.18
C LEU A 310 8.48 -39.02 2.28
N GLY A 311 7.58 -39.83 2.87
CA GLY A 311 6.54 -40.55 2.17
C GLY A 311 5.63 -39.63 1.40
N ALA A 312 5.19 -38.54 2.06
CA ALA A 312 4.33 -37.50 1.48
C ALA A 312 5.10 -36.72 0.40
N LEU A 313 6.40 -36.39 0.66
CA LEU A 313 7.24 -35.66 -0.31
C LEU A 313 7.47 -36.50 -1.56
N ARG A 314 7.63 -37.83 -1.40
CA ARG A 314 7.83 -38.75 -2.51
C ARG A 314 6.56 -38.88 -3.36
N GLU A 315 5.37 -38.87 -2.73
CA GLU A 315 4.09 -38.94 -3.44
C GLU A 315 3.80 -37.65 -4.19
N ILE A 316 4.09 -36.46 -3.63
CA ILE A 316 3.86 -35.17 -4.30
C ILE A 316 4.74 -35.13 -5.59
N TRP A 317 5.99 -35.63 -5.48
CA TRP A 317 6.98 -35.79 -6.56
C TRP A 317 6.46 -36.67 -7.71
N GLU A 318 5.72 -37.77 -7.40
CA GLU A 318 5.10 -38.62 -8.41
C GLU A 318 4.17 -37.81 -9.34
N HIS A 319 3.66 -36.66 -8.84
CA HIS A 319 2.74 -35.77 -9.49
C HIS A 319 3.39 -34.48 -9.95
N ARG A 320 4.72 -34.51 -10.24
CA ARG A 320 5.50 -33.35 -10.70
C ARG A 320 4.93 -32.72 -11.98
N ALA A 321 4.22 -33.51 -12.82
CA ALA A 321 3.60 -33.06 -14.06
C ALA A 321 2.49 -32.06 -13.79
N ASP A 322 1.93 -32.09 -12.55
CA ASP A 322 0.88 -31.16 -12.12
C ASP A 322 1.39 -29.72 -11.98
N ALA A 323 2.70 -29.52 -11.80
CA ALA A 323 3.29 -28.20 -11.64
C ALA A 323 3.04 -27.26 -12.89
N ALA A 324 2.62 -25.97 -12.64
CA ALA A 324 2.36 -24.99 -13.71
C ALA A 324 3.31 -23.77 -13.63
N SER A 325 4.39 -23.97 -12.87
CA SER A 325 5.48 -23.05 -12.58
C SER A 325 6.66 -23.87 -12.03
N GLY A 326 7.87 -23.34 -12.21
CA GLY A 326 9.08 -23.96 -11.69
C GLY A 326 9.31 -23.76 -10.20
N LEU A 327 8.67 -22.73 -9.59
CA LEU A 327 8.86 -22.42 -8.16
C LEU A 327 8.38 -23.56 -7.27
N PRO A 328 7.16 -24.20 -7.43
CA PRO A 328 6.82 -25.32 -6.54
C PRO A 328 7.73 -26.53 -6.70
N LEU A 329 8.29 -26.76 -7.92
CA LEU A 329 9.18 -27.90 -8.16
C LEU A 329 10.48 -27.72 -7.36
N LEU A 330 10.97 -26.45 -7.28
CA LEU A 330 12.18 -26.08 -6.56
C LEU A 330 11.97 -26.21 -5.06
N GLN A 331 10.84 -25.69 -4.53
CA GLN A 331 10.51 -25.77 -3.10
C GLN A 331 10.45 -27.24 -2.62
N LEU A 332 9.88 -28.13 -3.43
CA LEU A 332 9.81 -29.57 -3.14
C LEU A 332 11.18 -30.22 -3.24
N GLY A 333 12.00 -29.75 -4.19
CA GLY A 333 13.36 -30.25 -4.36
C GLY A 333 14.24 -29.96 -3.15
N VAL A 334 14.06 -28.77 -2.57
CA VAL A 334 14.78 -28.33 -1.36
C VAL A 334 14.29 -29.20 -0.19
N ALA A 335 12.99 -29.50 -0.13
CA ALA A 335 12.40 -30.30 0.93
C ALA A 335 12.92 -31.72 0.90
N LEU A 336 12.87 -32.37 -0.30
CA LEU A 336 13.37 -33.74 -0.48
C LEU A 336 14.84 -33.85 -0.07
N LYS A 337 15.70 -32.92 -0.52
CA LYS A 337 17.14 -32.86 -0.20
C LYS A 337 17.37 -32.64 1.31
N THR A 338 16.51 -31.80 1.96
CA THR A 338 16.59 -31.50 3.40
C THR A 338 16.23 -32.73 4.22
N MET A 339 15.32 -33.55 3.69
CA MET A 339 14.82 -34.75 4.33
C MET A 339 15.60 -36.02 3.98
N GLY A 340 16.65 -35.89 3.17
CA GLY A 340 17.52 -37.01 2.84
C GLY A 340 17.35 -37.70 1.51
N ASP A 341 16.41 -37.24 0.68
CA ASP A 341 16.22 -37.81 -0.64
C ASP A 341 16.85 -36.86 -1.65
N ALA A 342 18.19 -36.82 -1.68
CA ALA A 342 18.98 -35.98 -2.57
C ALA A 342 18.78 -36.36 -4.02
N THR A 343 18.51 -37.65 -4.29
CA THR A 343 18.29 -38.23 -5.62
C THR A 343 17.09 -37.54 -6.27
N ARG A 344 15.88 -37.69 -5.65
CA ARG A 344 14.62 -37.06 -6.09
C ARG A 344 14.70 -35.52 -5.99
N GLY A 345 15.40 -35.02 -4.98
CA GLY A 345 15.61 -33.60 -4.73
C GLY A 345 16.35 -32.90 -5.86
N GLU A 346 17.49 -33.48 -6.31
CA GLU A 346 18.31 -32.99 -7.42
C GLU A 346 17.49 -32.94 -8.74
N GLU A 347 16.61 -33.95 -8.97
CA GLU A 347 15.74 -34.08 -10.14
C GLU A 347 14.72 -32.93 -10.22
N ALA A 348 14.12 -32.57 -9.05
CA ALA A 348 13.11 -31.53 -8.88
C ALA A 348 13.68 -30.14 -9.06
N ILE A 349 14.92 -29.92 -8.63
CA ILE A 349 15.62 -28.66 -8.74
C ILE A 349 16.02 -28.45 -10.22
N ALA A 350 16.50 -29.52 -10.89
CA ALA A 350 16.91 -29.50 -12.30
C ALA A 350 15.70 -29.17 -13.19
N LEU A 351 14.58 -29.87 -12.95
CA LEU A 351 13.30 -29.73 -13.66
C LEU A 351 12.69 -28.32 -13.40
N ALA A 352 12.81 -27.80 -12.17
CA ALA A 352 12.29 -26.49 -11.78
C ALA A 352 12.77 -25.37 -12.72
N LEU A 353 14.08 -25.32 -12.99
CA LEU A 353 14.67 -24.31 -13.86
C LEU A 353 14.39 -24.56 -15.35
N LYS A 354 13.86 -25.75 -15.69
CA LYS A 354 13.52 -26.12 -17.06
C LYS A 354 12.03 -25.87 -17.35
N THR A 355 11.21 -25.53 -16.31
CA THR A 355 9.77 -25.30 -16.50
C THR A 355 9.35 -23.83 -16.19
N PRO A 356 8.84 -23.11 -17.21
CA PRO A 356 8.42 -21.73 -16.97
C PRO A 356 6.98 -21.66 -16.50
N ARG A 357 6.60 -20.48 -16.03
CA ARG A 357 5.24 -20.19 -15.64
C ARG A 357 4.52 -19.76 -16.90
N ASN A 358 3.25 -20.21 -17.07
CA ASN A 358 2.43 -19.80 -18.23
C ASN A 358 2.31 -18.26 -18.21
N SER A 359 2.62 -17.62 -19.35
CA SER A 359 2.61 -16.15 -19.45
C SER A 359 1.18 -15.56 -19.58
N ASP A 360 0.13 -16.43 -19.52
CA ASP A 360 -1.25 -15.98 -19.56
C ASP A 360 -1.71 -15.70 -18.12
N GLU A 361 -1.88 -14.40 -17.82
CA GLU A 361 -2.28 -13.86 -16.52
C GLU A 361 -3.75 -14.22 -16.18
N ARG A 362 -4.58 -14.52 -17.21
CA ARG A 362 -5.99 -14.86 -17.05
C ARG A 362 -6.18 -16.23 -16.35
N ILE A 363 -5.09 -17.03 -16.29
CA ILE A 363 -5.09 -18.33 -15.61
C ILE A 363 -4.69 -18.08 -14.14
N TRP A 364 -5.70 -18.14 -13.25
CA TRP A 364 -5.56 -17.93 -11.80
C TRP A 364 -5.08 -19.24 -11.13
N LEU A 365 -3.88 -19.21 -10.54
CA LEU A 365 -3.30 -20.36 -9.85
C LEU A 365 -3.59 -20.30 -8.35
N GLY A 366 -3.97 -19.13 -7.86
CA GLY A 366 -4.27 -18.92 -6.43
C GLY A 366 -3.07 -18.82 -5.52
N ASP A 367 -1.84 -18.75 -6.10
CA ASP A 367 -0.56 -18.69 -5.38
C ASP A 367 0.07 -17.26 -5.33
N TYR A 368 -0.73 -16.22 -5.66
CA TYR A 368 -0.35 -14.81 -5.57
C TYR A 368 0.91 -14.49 -6.41
N GLY A 369 1.19 -15.38 -7.34
CA GLY A 369 2.37 -15.34 -8.19
C GLY A 369 2.22 -14.65 -9.52
N SER A 370 3.31 -14.73 -10.26
CA SER A 370 3.60 -14.21 -11.60
C SER A 370 4.97 -14.76 -12.00
N SER A 371 5.37 -14.54 -13.26
CA SER A 371 6.66 -14.98 -13.77
C SER A 371 7.74 -14.29 -12.96
N LEU A 372 7.62 -12.96 -12.79
CA LEU A 372 8.50 -12.07 -12.04
C LEU A 372 8.70 -12.58 -10.61
N ARG A 373 7.59 -12.76 -9.88
CA ARG A 373 7.54 -13.21 -8.49
C ARG A 373 8.24 -14.54 -8.36
N ASP A 374 7.93 -15.51 -9.23
CA ASP A 374 8.53 -16.85 -9.16
C ASP A 374 10.03 -16.84 -9.47
N ASN A 375 10.46 -16.05 -10.46
CA ASN A 375 11.89 -15.96 -10.81
C ASN A 375 12.71 -15.42 -9.64
N ALA A 376 12.19 -14.40 -8.93
CA ALA A 376 12.80 -13.77 -7.75
C ALA A 376 12.89 -14.75 -6.58
N LEU A 377 11.79 -15.41 -6.28
CA LEU A 377 11.68 -16.36 -5.19
C LEU A 377 12.59 -17.59 -5.44
N MET A 378 12.74 -17.99 -6.72
CA MET A 378 13.62 -19.09 -7.12
C MET A 378 15.11 -18.68 -7.04
N LEU A 379 15.46 -17.42 -7.31
CA LEU A 379 16.84 -16.96 -7.22
C LEU A 379 17.33 -17.06 -5.77
N SER A 380 16.46 -16.65 -4.79
CA SER A 380 16.70 -16.69 -3.34
C SER A 380 16.86 -18.11 -2.81
N LEU A 381 16.02 -19.08 -3.28
CA LEU A 381 16.09 -20.47 -2.85
C LEU A 381 17.36 -21.12 -3.34
N LEU A 382 17.77 -20.83 -4.61
CA LEU A 382 19.00 -21.38 -5.20
C LEU A 382 20.24 -20.87 -4.46
N GLU A 383 20.31 -19.53 -4.22
CA GLU A 383 21.43 -18.91 -3.52
C GLU A 383 21.56 -19.47 -2.11
N GLU A 384 20.50 -19.35 -1.29
CA GLU A 384 20.41 -19.79 0.11
C GLU A 384 20.75 -21.30 0.28
N ASN A 385 20.47 -22.11 -0.75
CA ASN A 385 20.74 -23.54 -0.68
C ASN A 385 21.92 -23.90 -1.60
N LYS A 386 22.66 -22.89 -2.06
CA LYS A 386 23.88 -22.96 -2.86
C LYS A 386 23.75 -23.90 -4.08
N LEU A 387 22.58 -23.94 -4.69
CA LEU A 387 22.31 -24.83 -5.83
C LEU A 387 22.46 -24.09 -7.16
N LEU A 388 22.97 -24.81 -8.19
CA LEU A 388 23.18 -24.38 -9.58
C LEU A 388 23.71 -22.92 -9.67
N PRO A 389 25.03 -22.71 -9.46
CA PRO A 389 25.55 -21.33 -9.48
C PRO A 389 25.66 -20.76 -10.90
N ASP A 390 25.81 -21.64 -11.91
CA ASP A 390 25.91 -21.28 -13.32
C ASP A 390 24.58 -20.75 -13.82
N GLU A 391 23.47 -21.32 -13.29
CA GLU A 391 22.09 -20.99 -13.58
C GLU A 391 21.63 -19.73 -12.82
N GLN A 392 22.30 -19.41 -11.68
CA GLN A 392 22.01 -18.24 -10.85
C GLN A 392 22.40 -16.94 -11.59
N TYR A 393 23.46 -16.97 -12.41
CA TYR A 393 23.89 -15.78 -13.16
C TYR A 393 22.95 -15.48 -14.32
N THR A 394 22.38 -16.53 -14.93
CA THR A 394 21.46 -16.36 -16.06
C THR A 394 20.12 -15.86 -15.52
N LEU A 395 19.68 -16.43 -14.36
CA LEU A 395 18.44 -16.09 -13.68
C LEU A 395 18.49 -14.68 -13.12
N LEU A 396 19.64 -14.23 -12.57
CA LEU A 396 19.79 -12.87 -12.06
C LEU A 396 19.76 -11.83 -13.20
N ASN A 397 20.41 -12.13 -14.34
CA ASN A 397 20.44 -11.23 -15.50
C ASN A 397 19.01 -11.05 -16.08
N THR A 398 18.22 -12.14 -16.13
CA THR A 398 16.85 -12.17 -16.64
C THR A 398 15.95 -11.36 -15.72
N LEU A 399 16.05 -11.64 -14.40
CA LEU A 399 15.28 -11.01 -13.33
C LEU A 399 15.53 -9.50 -13.28
N SER A 400 16.82 -9.10 -13.37
CA SER A 400 17.30 -7.71 -13.36
C SER A 400 16.66 -6.92 -14.47
N GLN A 401 16.67 -7.50 -15.68
CA GLN A 401 16.13 -6.92 -16.91
C GLN A 401 14.57 -6.81 -16.89
N GLN A 402 13.87 -7.81 -16.31
CA GLN A 402 12.42 -7.84 -16.32
C GLN A 402 11.74 -7.09 -15.15
N ALA A 403 12.43 -6.85 -14.02
CA ALA A 403 11.86 -6.20 -12.85
C ALA A 403 11.81 -4.71 -12.90
N PHE A 404 12.92 -4.07 -13.32
CA PHE A 404 13.10 -2.63 -13.22
C PHE A 404 11.98 -1.80 -13.89
N GLY A 405 11.49 -2.19 -15.08
CA GLY A 405 10.54 -1.40 -15.86
C GLY A 405 9.07 -1.40 -15.48
N GLU A 406 8.67 -2.31 -14.59
CA GLU A 406 7.27 -2.48 -14.16
C GLU A 406 6.77 -1.31 -13.33
N ARG A 407 5.76 -0.61 -13.87
CA ARG A 407 5.11 0.51 -13.22
C ARG A 407 4.47 0.06 -11.91
N TRP A 408 3.63 -1.01 -11.95
CA TRP A 408 2.94 -1.50 -10.75
C TRP A 408 3.34 -2.90 -10.44
N LEU A 409 3.77 -3.12 -9.18
CA LEU A 409 4.19 -4.39 -8.61
C LEU A 409 3.29 -4.74 -7.44
N SER A 410 2.83 -6.00 -7.37
CA SER A 410 2.08 -6.43 -6.21
C SER A 410 3.01 -6.46 -4.99
N THR A 411 2.42 -6.49 -3.79
CA THR A 411 3.12 -6.63 -2.51
C THR A 411 3.95 -7.91 -2.54
N GLN A 412 3.36 -8.95 -3.12
CA GLN A 412 3.95 -10.28 -3.26
C GLN A 412 5.23 -10.19 -4.11
N GLU A 413 5.18 -9.48 -5.25
CA GLU A 413 6.32 -9.27 -6.16
C GLU A 413 7.39 -8.37 -5.53
N SER A 414 7.00 -7.27 -4.86
CA SER A 414 7.91 -6.40 -4.13
C SER A 414 8.69 -7.19 -3.06
N ASN A 415 8.01 -8.08 -2.31
CA ASN A 415 8.68 -8.89 -1.29
C ASN A 415 9.63 -9.93 -1.89
N ALA A 416 9.18 -10.63 -2.94
CA ALA A 416 9.94 -11.62 -3.69
C ALA A 416 11.23 -11.00 -4.18
N LEU A 417 11.14 -9.73 -4.73
CA LEU A 417 12.24 -8.92 -5.25
C LEU A 417 13.11 -8.42 -4.14
N PHE A 418 12.51 -7.98 -3.01
CA PHE A 418 13.28 -7.54 -1.82
C PHE A 418 14.20 -8.66 -1.35
N LEU A 419 13.66 -9.90 -1.21
CA LEU A 419 14.42 -11.06 -0.77
C LEU A 419 15.49 -11.47 -1.79
N ALA A 420 15.27 -11.26 -3.09
CA ALA A 420 16.28 -11.56 -4.10
C ALA A 420 17.41 -10.49 -4.12
N ALA A 421 17.08 -9.21 -3.80
CA ALA A 421 18.05 -8.10 -3.76
C ALA A 421 18.93 -8.19 -2.53
N ARG A 422 18.37 -8.69 -1.42
CA ARG A 422 19.06 -8.95 -0.15
C ARG A 422 20.14 -10.02 -0.39
N THR A 423 19.81 -10.98 -1.29
CA THR A 423 20.63 -12.12 -1.73
C THR A 423 21.94 -11.62 -2.43
N ILE A 424 21.83 -10.60 -3.31
CA ILE A 424 22.90 -10.05 -4.15
C ILE A 424 23.42 -8.66 -3.68
N GLN A 425 22.98 -8.15 -2.51
CA GLN A 425 23.36 -6.81 -2.06
C GLN A 425 24.88 -6.59 -1.95
N ASP A 426 25.58 -7.61 -1.48
CA ASP A 426 27.03 -7.57 -1.34
C ASP A 426 27.62 -8.50 -2.40
N LEU A 427 27.52 -8.06 -3.65
CA LEU A 427 28.02 -8.78 -4.82
C LEU A 427 29.13 -7.95 -5.44
N PRO A 428 30.37 -8.50 -5.46
CA PRO A 428 31.48 -7.75 -6.02
C PRO A 428 31.28 -7.41 -7.48
N GLY A 429 31.62 -6.18 -7.83
CA GLY A 429 31.54 -5.63 -9.17
C GLY A 429 32.03 -4.20 -9.21
N LYS A 430 33.23 -3.99 -9.76
CA LYS A 430 33.87 -2.68 -9.87
C LYS A 430 33.19 -1.81 -10.92
N TRP A 431 32.99 -0.51 -10.61
CA TRP A 431 32.38 0.44 -11.56
C TRP A 431 32.90 1.89 -11.36
N GLN A 432 32.95 2.66 -12.46
CA GLN A 432 33.34 4.09 -12.54
C GLN A 432 32.30 4.84 -13.35
N ALA A 433 31.85 6.00 -12.87
CA ALA A 433 30.86 6.83 -13.58
C ALA A 433 31.08 8.31 -13.34
N GLN A 434 30.77 9.12 -14.37
CA GLN A 434 30.80 10.58 -14.32
C GLN A 434 29.36 11.04 -14.36
N THR A 435 28.88 11.74 -13.32
CA THR A 435 27.48 12.16 -13.27
C THR A 435 27.36 13.69 -13.31
N SER A 436 26.14 14.19 -13.62
CA SER A 436 25.70 15.58 -13.74
C SER A 436 25.60 16.32 -12.40
N PHE A 437 25.43 15.57 -11.29
CA PHE A 437 25.22 16.11 -9.93
C PHE A 437 26.51 16.13 -9.07
N SER A 438 27.66 15.66 -9.62
CA SER A 438 28.94 15.58 -8.92
C SER A 438 30.13 15.92 -9.84
N ALA A 439 31.04 16.75 -9.34
CA ALA A 439 32.23 17.13 -10.10
C ALA A 439 33.25 16.00 -10.08
N GLU A 440 33.39 15.36 -8.90
CA GLU A 440 34.28 14.25 -8.61
C GLU A 440 33.62 12.95 -9.14
N GLN A 441 34.42 12.15 -9.86
CA GLN A 441 34.02 10.86 -10.44
C GLN A 441 33.52 9.93 -9.35
N LEU A 442 32.45 9.20 -9.64
CA LEU A 442 31.83 8.22 -8.77
C LEU A 442 32.44 6.86 -9.04
N THR A 443 32.69 6.09 -7.97
CA THR A 443 33.29 4.76 -8.05
C THR A 443 32.71 3.84 -6.96
N GLY A 444 32.84 2.54 -7.18
CA GLY A 444 32.38 1.54 -6.23
C GLY A 444 32.87 0.15 -6.54
N GLU A 445 32.79 -0.72 -5.53
CA GLU A 445 33.20 -2.12 -5.61
C GLU A 445 31.98 -3.01 -5.63
N LYS A 446 30.83 -2.44 -5.28
CA LYS A 446 29.51 -3.06 -5.21
C LYS A 446 28.44 -2.03 -5.63
N ALA A 447 27.17 -2.44 -5.72
CA ALA A 447 26.06 -1.54 -6.10
C ALA A 447 25.92 -0.39 -5.07
N GLN A 448 25.95 0.86 -5.55
CA GLN A 448 25.78 2.02 -4.69
C GLN A 448 24.56 2.83 -5.14
N ASN A 449 23.60 3.02 -4.21
CA ASN A 449 22.35 3.75 -4.44
C ASN A 449 22.47 5.15 -3.83
N SER A 450 22.49 6.21 -4.68
CA SER A 450 22.56 7.62 -4.24
C SER A 450 21.21 8.34 -4.43
N ASN A 451 20.73 9.08 -3.41
CA ASN A 451 19.45 9.80 -3.49
C ASN A 451 19.61 11.12 -4.23
N LEU A 452 18.57 11.51 -4.96
CA LEU A 452 18.55 12.74 -5.76
C LEU A 452 17.30 13.57 -5.52
N ASN A 453 17.49 14.89 -5.38
CA ASN A 453 16.38 15.85 -5.25
C ASN A 453 15.89 16.24 -6.66
N SER A 454 14.67 16.80 -6.74
CA SER A 454 14.03 17.24 -7.99
C SER A 454 14.96 18.06 -8.90
N ASP A 455 15.90 18.90 -8.36
CA ASP A 455 16.84 19.70 -9.17
C ASP A 455 17.85 18.83 -9.90
N GLN A 456 18.45 17.87 -9.18
CA GLN A 456 19.48 16.95 -9.69
C GLN A 456 18.92 16.03 -10.77
N LEU A 457 17.61 15.66 -10.68
CA LEU A 457 16.87 14.76 -11.59
C LEU A 457 16.52 15.38 -12.95
N VAL A 458 16.09 16.64 -13.00
CA VAL A 458 15.67 17.31 -14.24
C VAL A 458 16.77 17.23 -15.33
N THR A 459 18.03 17.48 -14.91
CA THR A 459 19.28 17.55 -15.67
C THR A 459 20.16 16.27 -15.56
N LEU A 460 19.61 15.19 -14.99
CA LEU A 460 20.36 13.97 -14.71
C LEU A 460 20.95 13.31 -16.00
N GLN A 461 22.26 13.14 -15.97
CA GLN A 461 23.09 12.57 -17.01
C GLN A 461 24.17 11.73 -16.34
N VAL A 462 24.32 10.46 -16.79
CA VAL A 462 25.30 9.50 -16.25
C VAL A 462 26.14 8.95 -17.42
N SER A 463 27.46 8.98 -17.28
CA SER A 463 28.38 8.49 -18.30
C SER A 463 29.28 7.38 -17.71
N ASN A 464 29.43 6.23 -18.40
CA ASN A 464 30.33 5.17 -17.93
C ASN A 464 31.74 5.59 -18.26
N SER A 465 32.50 6.02 -17.23
CA SER A 465 33.89 6.49 -17.36
C SER A 465 34.89 5.42 -16.90
N GLY A 466 34.49 4.17 -17.06
CA GLY A 466 35.28 2.98 -16.73
C GLY A 466 35.57 2.18 -17.99
N ASP A 467 36.28 1.06 -17.81
CA ASP A 467 36.70 0.16 -18.89
C ASP A 467 35.81 -1.09 -19.00
N GLN A 468 34.80 -1.21 -18.10
CA GLN A 468 33.87 -2.33 -18.08
C GLN A 468 32.41 -1.87 -18.11
N PRO A 469 31.47 -2.69 -18.65
CA PRO A 469 30.04 -2.31 -18.61
C PRO A 469 29.54 -1.91 -17.23
N LEU A 470 28.75 -0.85 -17.20
CA LEU A 470 28.16 -0.31 -16.00
C LEU A 470 26.63 -0.45 -16.09
N TRP A 471 25.98 -0.74 -14.97
CA TRP A 471 24.54 -0.85 -14.96
C TRP A 471 23.92 0.32 -14.23
N LEU A 472 22.79 0.86 -14.71
CA LEU A 472 22.14 1.90 -13.94
C LEU A 472 20.65 1.65 -13.83
N ARG A 473 20.08 2.10 -12.72
CA ARG A 473 18.63 2.09 -12.40
C ARG A 473 18.30 3.46 -11.84
N MET A 474 17.21 4.06 -12.31
CA MET A 474 16.77 5.32 -11.82
C MET A 474 15.30 5.22 -11.53
N ASP A 475 14.91 5.23 -10.24
CA ASP A 475 13.54 5.17 -9.74
C ASP A 475 13.13 6.47 -9.03
N ALA A 476 12.16 7.20 -9.60
CA ALA A 476 11.63 8.44 -9.02
C ALA A 476 10.16 8.32 -8.66
N SER A 477 9.71 9.02 -7.61
CA SER A 477 8.32 9.00 -7.14
C SER A 477 7.89 10.33 -6.55
N GLY A 478 6.86 10.91 -7.16
CA GLY A 478 6.24 12.15 -6.75
C GLY A 478 4.74 12.13 -6.93
N TYR A 479 4.07 13.21 -6.55
CA TYR A 479 2.62 13.32 -6.71
C TYR A 479 2.32 14.24 -7.89
N PRO A 480 1.42 13.86 -8.84
CA PRO A 480 1.12 14.77 -9.96
C PRO A 480 0.31 16.01 -9.49
N GLN A 481 0.58 17.18 -10.13
CA GLN A 481 -0.05 18.47 -9.81
C GLN A 481 -1.55 18.48 -10.15
N SER A 482 -1.91 17.95 -11.35
CA SER A 482 -3.27 17.83 -11.85
C SER A 482 -3.60 16.37 -12.06
N ALA A 483 -4.91 16.03 -12.02
CA ALA A 483 -5.45 14.68 -12.22
C ALA A 483 -4.97 14.10 -13.54
N PRO A 484 -4.43 12.86 -13.55
CA PRO A 484 -4.00 12.27 -14.84
C PRO A 484 -5.19 11.89 -15.69
N LEU A 485 -5.00 11.65 -16.99
CA LEU A 485 -6.10 11.20 -17.84
C LEU A 485 -6.66 9.85 -17.32
N PRO A 486 -8.01 9.71 -17.18
CA PRO A 486 -8.56 8.39 -16.79
C PRO A 486 -8.08 7.34 -17.77
N ALA A 487 -7.69 6.16 -17.24
CA ALA A 487 -7.22 5.02 -18.04
C ALA A 487 -7.79 3.75 -17.47
N ASN A 488 -7.82 2.69 -18.31
CA ASN A 488 -8.31 1.39 -17.91
C ASN A 488 -7.64 0.28 -18.71
N ASN A 489 -7.47 -0.88 -18.07
CA ASN A 489 -6.91 -2.07 -18.64
C ASN A 489 -7.51 -3.28 -17.92
N VAL A 490 -8.38 -4.02 -18.65
CA VAL A 490 -9.18 -5.17 -18.22
C VAL A 490 -10.32 -4.68 -17.31
N LEU A 491 -10.01 -3.96 -16.26
CA LEU A 491 -11.02 -3.40 -15.39
C LEU A 491 -11.53 -2.07 -15.97
N GLN A 492 -12.65 -1.60 -15.44
CA GLN A 492 -13.35 -0.35 -15.73
C GLN A 492 -14.06 0.08 -14.45
N ILE A 493 -14.07 1.39 -14.18
CA ILE A 493 -14.78 1.95 -13.01
C ILE A 493 -15.36 3.31 -13.37
N GLU A 494 -16.58 3.58 -12.90
CA GLU A 494 -17.26 4.86 -13.07
C GLU A 494 -18.03 5.19 -11.79
N ARG A 495 -17.95 6.47 -11.38
CA ARG A 495 -18.61 6.94 -10.17
C ARG A 495 -19.65 7.97 -10.53
N HIS A 496 -20.85 7.80 -9.98
CA HIS A 496 -21.99 8.69 -10.11
C HIS A 496 -22.43 9.13 -8.74
N ILE A 497 -22.62 10.44 -8.57
CA ILE A 497 -23.10 11.03 -7.34
C ILE A 497 -24.60 11.22 -7.48
N LEU A 498 -25.36 10.67 -6.53
CA LEU A 498 -26.80 10.78 -6.51
C LEU A 498 -27.29 11.44 -5.22
N GLY A 499 -28.53 11.88 -5.24
CA GLY A 499 -29.24 12.39 -4.08
C GLY A 499 -29.82 11.18 -3.38
N THR A 500 -30.28 11.33 -2.13
CA THR A 500 -30.84 10.22 -1.35
C THR A 500 -32.12 9.64 -2.02
N ASP A 501 -32.81 10.46 -2.87
CA ASP A 501 -34.01 10.11 -3.62
C ASP A 501 -33.70 9.13 -4.76
N GLY A 502 -32.57 9.34 -5.45
CA GLY A 502 -32.14 8.49 -6.56
C GLY A 502 -31.80 9.20 -7.87
N LYS A 503 -32.06 10.51 -7.94
CA LYS A 503 -31.75 11.29 -9.15
C LYS A 503 -30.28 11.74 -9.08
N SER A 504 -29.76 12.31 -10.18
CA SER A 504 -28.39 12.81 -10.25
C SER A 504 -28.21 14.07 -9.39
N LYS A 505 -26.98 14.32 -8.90
CA LYS A 505 -26.64 15.49 -8.06
C LYS A 505 -25.30 16.11 -8.48
N SER A 506 -25.33 17.41 -8.87
CA SER A 506 -24.15 18.18 -9.29
C SER A 506 -23.27 18.52 -8.07
N LEU A 507 -21.97 18.11 -8.09
CA LEU A 507 -20.98 18.30 -7.02
C LEU A 507 -20.78 19.78 -6.61
N ASP A 508 -20.93 20.72 -7.55
CA ASP A 508 -20.88 22.15 -7.23
C ASP A 508 -22.22 22.53 -6.59
N SER A 509 -22.25 23.59 -5.77
CA SER A 509 -23.44 24.11 -5.07
C SER A 509 -24.11 23.03 -4.16
N LEU A 510 -23.28 22.33 -3.37
CA LEU A 510 -23.68 21.37 -2.35
C LEU A 510 -23.66 22.09 -0.98
N ARG A 511 -24.70 21.93 -0.14
CA ARG A 511 -24.73 22.65 1.14
C ARG A 511 -24.25 21.77 2.29
N SER A 512 -23.76 22.36 3.38
CA SER A 512 -23.28 21.63 4.55
C SER A 512 -24.44 20.84 5.16
N GLY A 513 -24.19 19.60 5.54
CA GLY A 513 -25.20 18.71 6.08
C GLY A 513 -25.95 17.93 5.02
N ASP A 514 -25.74 18.25 3.72
CA ASP A 514 -26.36 17.55 2.58
C ASP A 514 -25.87 16.13 2.52
N LEU A 515 -26.78 15.17 2.35
CA LEU A 515 -26.50 13.74 2.29
C LEU A 515 -26.54 13.29 0.83
N VAL A 516 -25.50 12.60 0.39
CA VAL A 516 -25.38 12.12 -0.99
C VAL A 516 -25.20 10.60 -1.01
N LEU A 517 -25.56 9.99 -2.13
CA LEU A 517 -25.40 8.57 -2.36
C LEU A 517 -24.41 8.37 -3.50
N VAL A 518 -23.24 7.81 -3.20
CA VAL A 518 -22.15 7.58 -4.16
C VAL A 518 -22.22 6.14 -4.73
N TRP A 519 -22.48 6.07 -6.06
CA TRP A 519 -22.65 4.83 -6.82
C TRP A 519 -21.40 4.52 -7.64
N LEU A 520 -20.75 3.37 -7.33
CA LEU A 520 -19.55 2.86 -8.02
C LEU A 520 -19.97 1.67 -8.88
N GLN A 521 -19.62 1.70 -10.16
CA GLN A 521 -19.93 0.64 -11.11
C GLN A 521 -18.61 0.09 -11.66
N VAL A 522 -18.38 -1.23 -11.52
CA VAL A 522 -17.14 -1.90 -11.95
C VAL A 522 -17.44 -3.08 -12.89
N LYS A 523 -16.78 -3.04 -14.04
CA LYS A 523 -16.85 -4.09 -15.06
C LYS A 523 -15.45 -4.59 -15.26
N ALA A 524 -15.30 -5.79 -15.83
CA ALA A 524 -14.02 -6.33 -16.21
C ALA A 524 -14.17 -7.22 -17.44
N SER A 525 -13.20 -7.19 -18.40
CA SER A 525 -13.28 -8.03 -19.62
C SER A 525 -12.81 -9.47 -19.34
N ASN A 526 -12.35 -9.72 -18.13
CA ASN A 526 -11.92 -10.99 -17.58
C ASN A 526 -12.35 -11.06 -16.15
N SER A 527 -12.51 -12.27 -15.61
CA SER A 527 -12.81 -12.42 -14.18
C SER A 527 -11.58 -11.96 -13.37
N VAL A 528 -11.84 -11.13 -12.34
CA VAL A 528 -10.80 -10.54 -11.49
C VAL A 528 -11.14 -10.87 -10.02
N PRO A 529 -10.72 -12.07 -9.55
CA PRO A 529 -11.10 -12.50 -8.18
C PRO A 529 -10.50 -11.69 -7.07
N ASP A 530 -9.40 -10.98 -7.33
CA ASP A 530 -8.63 -10.20 -6.34
C ASP A 530 -8.73 -8.68 -6.54
N ALA A 531 -9.87 -8.16 -7.05
CA ALA A 531 -10.04 -6.74 -7.27
C ALA A 531 -10.32 -5.99 -5.96
N LEU A 532 -9.62 -4.86 -5.79
CA LEU A 532 -9.74 -3.94 -4.67
C LEU A 532 -10.22 -2.61 -5.23
N VAL A 533 -11.37 -2.13 -4.76
CA VAL A 533 -11.95 -0.84 -5.09
C VAL A 533 -11.54 0.13 -3.95
N VAL A 534 -10.88 1.21 -4.32
CA VAL A 534 -10.46 2.29 -3.42
C VAL A 534 -11.05 3.57 -3.94
N ASP A 535 -11.89 4.23 -3.15
CA ASP A 535 -12.50 5.47 -3.60
C ASP A 535 -12.14 6.53 -2.61
N LEU A 536 -11.12 7.34 -2.95
CA LEU A 536 -10.65 8.42 -2.09
C LEU A 536 -11.69 9.52 -2.07
N LEU A 537 -12.05 9.94 -0.89
CA LEU A 537 -13.08 10.93 -0.66
C LEU A 537 -12.58 12.35 -0.87
N PRO A 538 -13.39 13.28 -1.38
CA PRO A 538 -12.94 14.68 -1.40
C PRO A 538 -13.08 15.21 0.02
N ALA A 539 -12.15 16.07 0.52
CA ALA A 539 -12.36 16.62 1.87
C ALA A 539 -13.65 17.42 1.80
N GLY A 540 -14.39 17.53 2.89
CA GLY A 540 -15.70 18.19 2.75
C GLY A 540 -16.81 17.17 2.58
N LEU A 541 -16.45 15.93 2.17
CA LEU A 541 -17.34 14.77 2.13
C LEU A 541 -16.88 13.84 3.25
N GLU A 542 -17.79 13.45 4.13
CA GLU A 542 -17.50 12.58 5.26
C GLU A 542 -18.30 11.31 5.18
N LEU A 543 -17.61 10.18 5.24
CA LEU A 543 -18.21 8.86 5.10
C LEU A 543 -19.09 8.46 6.25
N GLU A 544 -20.36 8.13 5.95
CA GLU A 544 -21.29 7.56 6.92
C GLU A 544 -20.88 6.10 7.07
N ASN A 545 -20.42 5.68 8.29
CA ASN A 545 -19.96 4.31 8.53
C ASN A 545 -21.17 3.33 8.51
N GLN A 546 -21.67 3.02 7.29
CA GLN A 546 -22.83 2.17 7.07
C GLN A 546 -22.63 1.30 5.82
N ASN A 547 -22.59 -0.04 6.02
CA ASN A 547 -22.48 -1.03 4.96
C ASN A 547 -23.86 -1.16 4.31
N LEU A 548 -24.03 -0.58 3.11
CA LEU A 548 -25.31 -0.56 2.42
C LEU A 548 -25.66 -1.92 1.78
N ALA A 549 -24.69 -2.87 1.71
CA ALA A 549 -24.90 -4.23 1.22
C ALA A 549 -25.81 -4.98 2.20
N ASN A 550 -25.70 -4.65 3.51
CA ASN A 550 -26.56 -5.19 4.57
C ASN A 550 -27.95 -4.54 4.50
N GLY A 551 -27.99 -3.33 3.94
CA GLY A 551 -29.22 -2.55 3.76
C GLY A 551 -29.35 -1.39 4.72
N SER A 552 -28.39 -1.25 5.67
CA SER A 552 -28.39 -0.20 6.69
C SER A 552 -28.22 1.19 6.06
N ALA A 553 -29.35 1.89 5.87
CA ALA A 553 -29.42 3.23 5.27
C ALA A 553 -30.18 4.21 6.18
N SER A 554 -29.87 5.53 6.08
CA SER A 554 -30.54 6.59 6.81
C SER A 554 -32.03 6.61 6.44
N LEU A 555 -32.35 6.19 5.18
CA LEU A 555 -33.70 6.07 4.65
C LEU A 555 -33.90 4.73 3.90
N GLU A 556 -34.95 3.99 4.30
CA GLU A 556 -35.41 2.73 3.70
C GLU A 556 -36.73 3.00 2.97
N GLN A 557 -37.30 4.20 3.23
CA GLN A 557 -38.55 4.74 2.68
C GLN A 557 -38.43 4.97 1.17
N SER A 558 -37.26 5.49 0.71
CA SER A 558 -36.98 5.76 -0.70
C SER A 558 -36.65 4.46 -1.44
N GLY A 559 -37.29 4.29 -2.59
CA GLY A 559 -37.10 3.12 -3.45
C GLY A 559 -37.11 3.44 -4.93
N GLY A 560 -37.29 2.40 -5.72
CA GLY A 560 -37.31 2.48 -7.18
C GLY A 560 -35.91 2.57 -7.76
N GLU A 561 -35.32 3.77 -7.66
CA GLU A 561 -33.99 4.07 -8.15
C GLU A 561 -32.90 3.54 -7.20
N VAL A 562 -33.03 3.87 -5.90
CA VAL A 562 -32.10 3.48 -4.84
C VAL A 562 -32.25 2.00 -4.52
N GLN A 563 -33.50 1.53 -4.43
CA GLN A 563 -33.85 0.15 -4.08
C GLN A 563 -33.12 -0.88 -4.92
N ASN A 564 -33.08 -0.74 -6.27
CA ASN A 564 -32.40 -1.71 -7.15
C ASN A 564 -30.89 -1.65 -7.03
N LEU A 565 -30.32 -0.48 -6.62
CA LEU A 565 -28.89 -0.29 -6.46
C LEU A 565 -28.37 -1.05 -5.25
N LEU A 566 -29.18 -1.11 -4.18
CA LEU A 566 -28.88 -1.83 -2.94
C LEU A 566 -29.02 -3.34 -3.19
N ASN A 567 -30.04 -3.74 -3.98
CA ASN A 567 -30.30 -5.12 -4.42
C ASN A 567 -29.15 -5.63 -5.29
N GLN A 568 -28.46 -4.72 -6.03
CA GLN A 568 -27.34 -5.07 -6.91
C GLN A 568 -26.09 -5.27 -6.06
N MET A 569 -25.85 -4.39 -5.04
CA MET A 569 -24.73 -4.48 -4.07
C MET A 569 -24.86 -5.75 -3.20
N GLN A 570 -26.11 -6.23 -3.02
CA GLN A 570 -26.44 -7.45 -2.30
C GLN A 570 -26.05 -8.69 -3.10
N GLN A 571 -25.81 -8.54 -4.43
CA GLN A 571 -25.43 -9.64 -5.34
C GLN A 571 -23.91 -9.69 -5.56
N ALA A 572 -23.19 -8.71 -5.00
CA ALA A 572 -21.75 -8.57 -5.19
C ALA A 572 -20.95 -9.53 -4.29
N SER A 573 -19.82 -10.06 -4.80
CA SER A 573 -18.95 -10.94 -3.99
C SER A 573 -18.00 -10.04 -3.20
N ILE A 574 -18.51 -9.46 -2.10
CA ILE A 574 -17.70 -8.59 -1.24
C ILE A 574 -16.87 -9.50 -0.30
N LYS A 575 -15.56 -9.28 -0.31
CA LYS A 575 -14.57 -9.99 0.48
C LYS A 575 -14.16 -9.19 1.71
N HIS A 576 -14.28 -7.87 1.62
CA HIS A 576 -13.90 -6.92 2.67
C HIS A 576 -14.45 -5.54 2.33
N ILE A 577 -14.86 -4.78 3.34
CA ILE A 577 -15.37 -3.42 3.18
C ILE A 577 -14.82 -2.60 4.36
N GLU A 578 -14.40 -1.36 4.09
CA GLU A 578 -13.78 -0.43 5.00
C GLU A 578 -14.27 0.98 4.73
N PHE A 579 -14.65 1.65 5.79
CA PHE A 579 -15.06 3.04 5.78
C PHE A 579 -14.01 3.78 6.57
N ARG A 580 -13.06 4.42 5.87
CA ARG A 580 -12.00 5.21 6.52
C ARG A 580 -12.36 6.71 6.52
N ASP A 581 -11.53 7.51 7.23
CA ASP A 581 -11.63 8.96 7.33
C ASP A 581 -11.64 9.61 5.96
N ASP A 582 -10.70 9.17 5.09
CA ASP A 582 -10.43 9.72 3.76
C ASP A 582 -10.77 8.76 2.56
N ARG A 583 -11.39 7.59 2.80
CA ARG A 583 -11.71 6.68 1.68
C ARG A 583 -12.70 5.56 2.04
N PHE A 584 -13.36 5.05 1.01
CA PHE A 584 -14.19 3.86 1.03
C PHE A 584 -13.42 2.78 0.31
N VAL A 585 -13.14 1.65 0.98
CA VAL A 585 -12.42 0.51 0.40
C VAL A 585 -13.31 -0.74 0.39
N ALA A 586 -13.34 -1.46 -0.73
CA ALA A 586 -14.09 -2.73 -0.85
C ALA A 586 -13.30 -3.71 -1.71
N ALA A 587 -13.10 -4.93 -1.18
CA ALA A 587 -12.40 -6.01 -1.91
C ALA A 587 -13.47 -6.84 -2.53
N VAL A 588 -13.48 -6.91 -3.87
CA VAL A 588 -14.59 -7.58 -4.54
C VAL A 588 -14.12 -8.54 -5.66
N ALA A 589 -14.78 -9.73 -5.75
CA ALA A 589 -14.48 -10.73 -6.81
C ALA A 589 -15.29 -10.38 -8.04
N VAL A 590 -14.65 -9.83 -9.05
CA VAL A 590 -15.36 -9.39 -10.25
C VAL A 590 -15.51 -10.55 -11.24
N ASP A 591 -16.71 -10.73 -11.77
CA ASP A 591 -17.01 -11.70 -12.81
C ASP A 591 -17.18 -10.91 -14.11
N GLU A 592 -16.71 -11.48 -15.22
CA GLU A 592 -16.77 -10.86 -16.54
C GLU A 592 -18.24 -10.55 -16.97
N TYR A 593 -19.19 -11.43 -16.65
CA TYR A 593 -20.59 -11.30 -17.07
C TYR A 593 -21.47 -10.70 -15.98
N GLN A 594 -20.86 -10.31 -14.85
CA GLN A 594 -21.64 -9.73 -13.76
C GLN A 594 -21.01 -8.46 -13.26
N PRO A 595 -21.41 -7.31 -13.85
CA PRO A 595 -20.89 -5.99 -13.42
C PRO A 595 -21.27 -5.67 -11.97
N VAL A 596 -20.27 -5.24 -11.16
CA VAL A 596 -20.36 -4.94 -9.71
C VAL A 596 -20.88 -3.51 -9.41
N THR A 597 -21.87 -3.40 -8.50
CA THR A 597 -22.44 -2.14 -7.99
C THR A 597 -22.08 -2.01 -6.51
N LEU A 598 -21.50 -0.88 -6.13
CA LEU A 598 -21.17 -0.55 -4.73
C LEU A 598 -21.74 0.81 -4.42
N VAL A 599 -22.35 0.95 -3.25
CA VAL A 599 -23.01 2.20 -2.84
C VAL A 599 -22.62 2.49 -1.39
N TYR A 600 -22.43 3.78 -1.10
CA TYR A 600 -22.08 4.25 0.24
C TYR A 600 -22.63 5.67 0.42
N LEU A 601 -22.94 6.01 1.68
CA LEU A 601 -23.49 7.32 2.04
C LEU A 601 -22.41 8.25 2.54
N ALA A 602 -22.47 9.49 2.09
CA ALA A 602 -21.55 10.54 2.51
C ALA A 602 -22.33 11.81 2.78
N ARG A 603 -21.80 12.65 3.64
CA ARG A 603 -22.43 13.89 3.99
C ARG A 603 -21.45 15.01 3.77
N ALA A 604 -21.90 16.09 3.08
CA ALA A 604 -21.10 17.32 2.93
C ALA A 604 -21.02 17.95 4.27
N VAL A 605 -19.82 18.22 4.78
CA VAL A 605 -19.69 18.77 6.14
C VAL A 605 -19.00 20.17 6.13
N THR A 606 -17.65 20.28 6.13
CA THR A 606 -16.99 21.59 6.21
C THR A 606 -17.03 22.38 4.89
N PRO A 607 -17.59 23.63 4.88
CA PRO A 607 -17.54 24.46 3.65
C PRO A 607 -16.11 24.67 3.11
N GLY A 608 -15.98 24.72 1.79
CA GLY A 608 -14.71 24.92 1.11
C GLY A 608 -14.73 24.50 -0.34
N THR A 609 -13.54 24.47 -0.97
CA THR A 609 -13.34 24.12 -2.38
C THR A 609 -12.32 23.03 -2.36
N TYR A 610 -12.76 21.83 -2.79
CA TYR A 610 -12.00 20.60 -2.67
C TYR A 610 -11.71 19.87 -4.01
N GLN A 611 -10.53 19.28 -4.11
CA GLN A 611 -10.12 18.48 -5.26
C GLN A 611 -10.83 17.11 -5.17
N VAL A 612 -11.40 16.65 -6.29
CA VAL A 612 -12.16 15.38 -6.30
C VAL A 612 -11.25 14.24 -6.85
N PRO A 613 -10.89 13.24 -6.00
CA PRO A 613 -10.04 12.16 -6.50
C PRO A 613 -10.83 11.31 -7.44
N GLN A 614 -10.16 10.67 -8.41
CA GLN A 614 -10.75 9.76 -9.39
C GLN A 614 -11.03 8.39 -8.72
N PRO A 615 -12.12 7.69 -9.08
CA PRO A 615 -12.35 6.37 -8.47
C PRO A 615 -11.38 5.36 -9.09
N MET A 616 -10.82 4.42 -8.30
CA MET A 616 -9.90 3.43 -8.85
CA MET A 616 -9.88 3.44 -8.84
C MET A 616 -10.25 2.01 -8.37
N VAL A 617 -9.93 1.03 -9.21
CA VAL A 617 -10.11 -0.41 -9.01
C VAL A 617 -8.82 -1.08 -9.46
N GLU A 618 -8.37 -2.10 -8.75
CA GLU A 618 -7.15 -2.78 -9.20
C GLU A 618 -7.11 -4.22 -8.76
N SER A 619 -6.54 -5.05 -9.63
CA SER A 619 -6.25 -6.43 -9.25
C SER A 619 -5.03 -6.32 -8.34
N MET A 620 -5.17 -6.82 -7.13
CA MET A 620 -4.14 -6.74 -6.10
C MET A 620 -2.86 -7.53 -6.44
N TYR A 621 -2.95 -8.61 -7.23
CA TYR A 621 -1.79 -9.49 -7.53
C TYR A 621 -1.53 -9.66 -9.05
N VAL A 622 -2.28 -8.92 -9.91
CA VAL A 622 -2.07 -8.75 -11.37
C VAL A 622 -2.34 -7.25 -11.57
N PRO A 623 -1.45 -6.37 -11.03
CA PRO A 623 -1.79 -4.94 -10.95
C PRO A 623 -1.71 -4.16 -12.28
N GLN A 624 -1.36 -4.82 -13.39
CA GLN A 624 -1.43 -4.18 -14.70
C GLN A 624 -2.93 -4.00 -15.06
N TRP A 625 -3.83 -4.85 -14.46
CA TRP A 625 -5.30 -4.79 -14.56
C TRP A 625 -5.82 -3.78 -13.58
N ARG A 626 -6.25 -2.63 -14.10
CA ARG A 626 -6.66 -1.52 -13.26
C ARG A 626 -7.41 -0.50 -14.06
N ALA A 627 -8.11 0.39 -13.38
CA ALA A 627 -8.85 1.49 -13.96
C ALA A 627 -8.91 2.61 -12.98
N THR A 628 -8.98 3.84 -13.52
CA THR A 628 -9.16 5.14 -12.86
C THR A 628 -10.24 5.83 -13.65
N GLY A 629 -11.38 6.10 -13.00
CA GLY A 629 -12.53 6.68 -13.66
C GLY A 629 -12.46 8.19 -13.76
N ALA A 630 -13.40 8.81 -14.53
CA ALA A 630 -13.46 10.27 -14.64
C ALA A 630 -14.11 10.86 -13.39
N ALA A 631 -13.65 12.05 -13.00
CA ALA A 631 -14.20 12.77 -11.85
C ALA A 631 -14.37 14.23 -12.17
N GLU A 632 -15.29 14.92 -11.45
CA GLU A 632 -15.50 16.37 -11.59
C GLU A 632 -14.23 17.06 -11.09
N ASP A 633 -13.93 18.26 -11.59
CA ASP A 633 -12.69 18.94 -11.18
C ASP A 633 -12.72 19.33 -9.69
N LEU A 634 -13.80 20.00 -9.25
CA LEU A 634 -13.95 20.45 -7.87
C LEU A 634 -15.29 20.13 -7.26
N LEU A 635 -15.27 20.01 -5.93
CA LEU A 635 -16.43 19.89 -5.05
C LEU A 635 -16.43 21.15 -4.20
N ILE A 636 -17.49 21.97 -4.34
CA ILE A 636 -17.68 23.18 -3.55
C ILE A 636 -18.74 22.87 -2.52
N VAL A 637 -18.43 23.09 -1.23
CA VAL A 637 -19.38 22.89 -0.12
C VAL A 637 -19.69 24.31 0.43
N ARG A 638 -20.98 24.66 0.51
CA ARG A 638 -21.44 25.98 0.97
C ARG A 638 -22.03 25.92 2.38
N PRO A 639 -21.93 27.01 3.18
CA PRO A 639 -22.46 26.96 4.55
C PRO A 639 -23.99 26.79 4.60
#